data_7R7D
#
_entry.id   7R7D
#
_cell.length_a   55.150
_cell.length_b   83.280
_cell.length_c   218.940
_cell.angle_alpha   90.000
_cell.angle_beta   90.000
_cell.angle_gamma   90.000
#
_symmetry.space_group_name_H-M   'P 21 21 21'
#
loop_
_entity.id
_entity.type
_entity.pdbx_description
1 polymer 'Tyrosine-protein phosphatase non-receptor type 11'
2 non-polymer 4-[6-(4-amino-4-methylpiperidin-1-yl)-1H-pyrazolo[3,4-b]pyrazin-3-yl]-3-chloro-N-methylpyridin-2-amine
3 non-polymer 'TETRAETHYLENE GLYCOL'
4 water water
#
_entity_poly.entity_id   1
_entity_poly.type   'polypeptide(L)'
_entity_poly.pdbx_seq_one_letter_code
;GAMADIMTSRRWFHPNITGVEAENLLLTRGVDGSFLARPSKSNPGDFTLSVRRNGAVTHIKIQNTGDYYDLYGGEKFATL
AELVQYYMEHHGQLKEKNGDVIELKYPLNCADPTSERWFHGHLSGKEAEKLLTEKGKHGSFLVRESQSHPGDFVLSVRTG
DDKGESNDGKSKVTHVMIRCQELKYDVGGGERFDSLTDLVEHYKKNPMVETLGTVLQLKQPLNTTRINAAEIESRVRELS
KLAETTDKVKQGFWEEFETLQQQECKLLYSRKEGQRQENKNKNRYKNILPFDHTRVVLHDGDPNEPVSDYINANIIMPEF
ETKCNNSKPKKSYIATQGCLQNTVNDFWRMVFQENSRVIVMTTKEVERGKSKCVKYWPDEYALKEYGVMRVRNVKESAAH
DYTLRELKLSKVGQGNTERTVWQYHFRTWPDHGVPSDPGGVLDFLEEVHHKQESIMDAGPVVVHCSAGIGRTGTFIVIDI
LIDIIREKGVDCDIDVPKTIQMVRSQRSGMVQTEAQYRFIYMAVQHYIETLQRRIE
;
_entity_poly.pdbx_strand_id   A,B
#
loop_
_chem_comp.id
_chem_comp.type
_chem_comp.name
_chem_comp.formula
37I non-polymer 4-[6-(4-amino-4-methylpiperidin-1-yl)-1H-pyrazolo[3,4-b]pyrazin-3-yl]-3-chloro-N-methylpyridin-2-amine 'C17 H21 Cl N8'
PG4 non-polymer 'TETRAETHYLENE GLYCOL' 'C8 H18 O5'
#
# COMPACT_ATOMS: atom_id res chain seq x y z
N SER A 9 14.11 26.36 -0.67
CA SER A 9 13.27 25.68 -1.64
C SER A 9 11.95 26.43 -1.86
N ARG A 10 11.59 26.65 -3.12
CA ARG A 10 10.33 27.30 -3.53
C ARG A 10 10.31 28.79 -3.19
N ARG A 11 11.35 29.29 -2.52
CA ARG A 11 11.42 30.70 -2.17
C ARG A 11 11.59 31.61 -3.38
N TRP A 12 11.92 31.05 -4.55
CA TRP A 12 12.16 31.83 -5.75
C TRP A 12 10.89 32.22 -6.48
N PHE A 13 9.73 31.74 -6.04
CA PHE A 13 8.46 32.08 -6.68
C PHE A 13 7.84 33.26 -5.95
N HIS A 14 7.68 34.38 -6.66
CA HIS A 14 7.10 35.60 -6.10
C HIS A 14 5.66 35.73 -6.60
N PRO A 15 4.66 35.47 -5.77
CA PRO A 15 3.28 35.43 -6.29
C PRO A 15 2.63 36.78 -6.51
N ASN A 16 3.14 37.86 -5.92
CA ASN A 16 2.46 39.15 -5.97
C ASN A 16 3.41 40.26 -6.41
N ILE A 17 4.22 40.02 -7.44
CA ILE A 17 5.10 41.04 -7.98
C ILE A 17 4.75 41.28 -9.44
N THR A 18 4.91 42.52 -9.87
CA THR A 18 4.68 42.91 -11.26
C THR A 18 5.96 42.73 -12.06
N GLY A 19 5.82 42.85 -13.39
CA GLY A 19 6.99 42.77 -14.24
C GLY A 19 7.99 43.87 -13.96
N VAL A 20 7.53 44.99 -13.41
CA VAL A 20 8.43 46.08 -13.04
C VAL A 20 9.17 45.75 -11.75
N GLU A 21 8.46 45.18 -10.77
CA GLU A 21 9.12 44.78 -9.53
C GLU A 21 10.14 43.68 -9.78
N ALA A 22 9.84 42.78 -10.72
CA ALA A 22 10.76 41.67 -11.01
C ALA A 22 12.11 42.20 -11.49
N GLU A 23 12.11 43.07 -12.50
CA GLU A 23 13.38 43.58 -13.02
C GLU A 23 14.08 44.46 -12.01
N ASN A 24 13.34 45.19 -11.18
CA ASN A 24 13.99 46.03 -10.17
C ASN A 24 14.64 45.17 -9.10
N LEU A 25 14.00 44.06 -8.73
CA LEU A 25 14.60 43.15 -7.75
C LEU A 25 15.89 42.56 -8.27
N LEU A 26 15.89 42.06 -9.51
CA LEU A 26 17.06 41.38 -10.05
C LEU A 26 18.22 42.33 -10.33
N LEU A 27 17.95 43.62 -10.51
CA LEU A 27 19.02 44.57 -10.79
C LEU A 27 19.56 45.26 -9.54
N THR A 28 18.75 45.39 -8.50
CA THR A 28 19.21 46.01 -7.27
C THR A 28 19.73 45.00 -6.26
N ARG A 29 19.08 43.84 -6.16
CA ARG A 29 19.48 42.82 -5.19
C ARG A 29 19.97 41.53 -5.83
N GLY A 30 20.10 41.46 -7.16
CA GLY A 30 20.59 40.26 -7.80
C GLY A 30 21.88 40.47 -8.55
N VAL A 31 22.55 39.37 -8.90
CA VAL A 31 23.76 39.40 -9.71
C VAL A 31 23.57 38.50 -10.91
N ASP A 32 24.52 38.57 -11.84
CA ASP A 32 24.47 37.74 -13.04
C ASP A 32 24.29 36.27 -12.68
N GLY A 33 23.13 35.72 -13.01
CA GLY A 33 22.75 34.38 -12.61
C GLY A 33 21.57 34.31 -11.68
N SER A 34 21.14 35.43 -11.09
CA SER A 34 19.97 35.42 -10.22
C SER A 34 18.70 35.32 -11.04
N PHE A 35 17.67 34.72 -10.43
CA PHE A 35 16.41 34.52 -11.13
C PHE A 35 15.26 34.45 -10.14
N LEU A 36 14.04 34.57 -10.68
CA LEU A 36 12.82 34.40 -9.91
C LEU A 36 11.70 33.97 -10.86
N ALA A 37 10.57 33.60 -10.28
CA ALA A 37 9.40 33.18 -11.05
C ALA A 37 8.16 33.87 -10.51
N ARG A 38 7.32 34.34 -11.41
CA ARG A 38 6.13 35.11 -11.06
C ARG A 38 4.96 34.69 -11.92
N PRO A 39 3.73 34.79 -11.40
CA PRO A 39 2.56 34.48 -12.23
C PRO A 39 2.24 35.61 -13.18
N SER A 40 2.32 35.34 -14.48
CA SER A 40 1.90 36.31 -15.48
C SER A 40 0.39 36.48 -15.43
N LYS A 41 -0.06 37.71 -15.21
CA LYS A 41 -1.47 38.00 -15.00
C LYS A 41 -2.18 38.43 -16.27
N SER A 42 -1.50 38.39 -17.42
CA SER A 42 -2.17 38.66 -18.69
C SER A 42 -2.99 37.46 -19.14
N ASN A 43 -2.37 36.26 -19.14
CA ASN A 43 -3.06 35.00 -19.39
C ASN A 43 -3.27 34.25 -18.08
N PRO A 44 -4.38 33.52 -17.94
CA PRO A 44 -4.74 32.98 -16.62
C PRO A 44 -3.88 31.82 -16.15
N GLY A 45 -3.13 31.17 -17.03
CA GLY A 45 -2.29 30.06 -16.62
C GLY A 45 -0.86 30.16 -17.10
N ASP A 46 -0.33 31.38 -17.11
CA ASP A 46 1.01 31.64 -17.64
C ASP A 46 1.89 32.22 -16.55
N PHE A 47 3.17 31.84 -16.56
CA PHE A 47 4.15 32.29 -15.59
C PHE A 47 5.36 32.84 -16.35
N THR A 48 6.22 33.55 -15.61
CA THR A 48 7.39 34.19 -16.21
C THR A 48 8.62 33.82 -15.39
N LEU A 49 9.66 33.38 -16.09
CA LEU A 49 10.96 33.08 -15.47
C LEU A 49 11.90 34.21 -15.84
N SER A 50 12.17 35.10 -14.88
CA SER A 50 13.03 36.25 -15.10
C SER A 50 14.44 35.93 -14.59
N VAL A 51 15.42 36.01 -15.49
CA VAL A 51 16.81 35.71 -15.18
C VAL A 51 17.65 36.95 -15.48
N ARG A 52 18.74 37.11 -14.74
CA ARG A 52 19.67 38.21 -14.95
C ARG A 52 20.87 37.72 -15.76
N ARG A 53 21.13 38.38 -16.89
CA ARG A 53 22.27 38.04 -17.75
C ARG A 53 22.95 39.33 -18.19
N ASN A 54 24.27 39.38 -18.02
CA ASN A 54 25.08 40.49 -18.51
C ASN A 54 24.50 41.84 -18.10
N GLY A 55 24.04 41.94 -16.86
CA GLY A 55 23.49 43.16 -16.33
C GLY A 55 22.05 43.45 -16.74
N ALA A 56 21.50 42.73 -17.70
CA ALA A 56 20.12 42.88 -18.09
C ALA A 56 19.30 41.71 -17.55
N VAL A 57 18.00 41.76 -17.79
CA VAL A 57 17.06 40.72 -17.36
C VAL A 57 16.33 40.20 -18.58
N THR A 58 16.28 38.88 -18.72
CA THR A 58 15.48 38.23 -19.74
C THR A 58 14.27 37.57 -19.08
N HIS A 59 13.20 37.41 -19.86
CA HIS A 59 11.96 36.84 -19.37
C HIS A 59 11.53 35.73 -20.31
N ILE A 60 11.39 34.52 -19.78
CA ILE A 60 10.96 33.34 -20.54
C ILE A 60 9.55 32.98 -20.11
N LYS A 61 8.67 32.81 -21.09
CA LYS A 61 7.27 32.53 -20.80
C LYS A 61 7.07 31.05 -20.47
N ILE A 62 6.25 30.78 -19.46
CA ILE A 62 5.87 29.43 -19.08
C ILE A 62 4.35 29.38 -19.12
N GLN A 63 3.79 28.59 -20.04
CA GLN A 63 2.36 28.52 -20.24
C GLN A 63 1.82 27.17 -19.78
N ASN A 64 0.69 27.21 -19.08
CA ASN A 64 0.02 26.01 -18.60
C ASN A 64 -1.47 26.15 -18.88
N THR A 65 -1.97 25.43 -19.88
CA THR A 65 -3.38 25.44 -20.21
C THR A 65 -4.14 24.28 -19.60
N GLY A 66 -3.50 23.51 -18.72
CA GLY A 66 -4.12 22.39 -18.04
C GLY A 66 -3.43 21.06 -18.25
N ASP A 67 -2.54 20.96 -19.25
CA ASP A 67 -1.87 19.71 -19.57
C ASP A 67 -0.51 19.60 -18.88
N TYR A 68 0.29 20.66 -18.93
CA TYR A 68 1.65 20.64 -18.41
C TYR A 68 2.15 22.09 -18.35
N TYR A 69 3.38 22.26 -17.86
CA TYR A 69 4.05 23.55 -17.86
C TYR A 69 4.94 23.63 -19.09
N ASP A 70 4.56 24.46 -20.05
CA ASP A 70 5.25 24.56 -21.33
C ASP A 70 6.19 25.75 -21.29
N LEU A 71 7.48 25.47 -21.13
CA LEU A 71 8.54 26.48 -21.13
C LEU A 71 8.92 26.76 -22.58
N TYR A 72 8.54 27.94 -23.08
CA TYR A 72 8.83 28.30 -24.46
C TYR A 72 10.34 28.47 -24.65
N GLY A 73 10.88 27.82 -25.68
CA GLY A 73 12.31 27.70 -25.84
C GLY A 73 12.95 26.59 -25.02
N GLY A 74 12.16 25.88 -24.21
CA GLY A 74 12.64 24.78 -23.41
C GLY A 74 11.77 23.55 -23.62
N GLU A 75 11.52 22.84 -22.54
CA GLU A 75 10.72 21.62 -22.57
C GLU A 75 9.48 21.79 -21.69
N LYS A 76 8.65 20.74 -21.66
CA LYS A 76 7.43 20.71 -20.87
C LYS A 76 7.68 19.96 -19.57
N PHE A 77 7.18 20.51 -18.47
CA PHE A 77 7.45 19.99 -17.14
C PHE A 77 6.17 19.83 -16.34
N ALA A 78 6.23 18.97 -15.33
CA ALA A 78 5.06 18.69 -14.49
C ALA A 78 4.80 19.80 -13.49
N THR A 79 5.84 20.31 -12.85
CA THR A 79 5.72 21.41 -11.89
C THR A 79 6.77 22.47 -12.20
N LEU A 80 6.60 23.64 -11.58
CA LEU A 80 7.63 24.67 -11.69
C LEU A 80 8.89 24.27 -10.92
N ALA A 81 8.75 23.59 -9.79
CA ALA A 81 9.91 23.16 -9.03
C ALA A 81 10.76 22.16 -9.81
N GLU A 82 10.10 21.21 -10.50
CA GLU A 82 10.85 20.26 -11.32
C GLU A 82 11.47 20.95 -12.54
N LEU A 83 10.86 22.03 -13.02
CA LEU A 83 11.46 22.79 -14.12
C LEU A 83 12.75 23.45 -13.68
N VAL A 84 12.72 24.17 -12.55
CA VAL A 84 13.92 24.85 -12.06
C VAL A 84 14.99 23.85 -11.68
N GLN A 85 14.60 22.74 -11.05
CA GLN A 85 15.57 21.71 -10.67
C GLN A 85 16.28 21.15 -11.89
N TYR A 86 15.56 20.99 -13.00
CA TYR A 86 16.16 20.42 -14.21
C TYR A 86 17.26 21.31 -14.75
N TYR A 87 17.07 22.63 -14.71
CA TYR A 87 18.04 23.54 -15.32
C TYR A 87 19.16 23.94 -14.38
N MET A 88 18.98 23.80 -13.06
CA MET A 88 20.09 24.01 -12.14
C MET A 88 21.07 22.84 -12.12
N GLU A 89 20.66 21.68 -12.65
CA GLU A 89 21.56 20.55 -12.82
C GLU A 89 22.03 20.39 -14.26
N HIS A 90 21.28 20.89 -15.24
CA HIS A 90 21.65 20.73 -16.64
C HIS A 90 21.89 22.07 -17.31
N HIS A 91 22.91 22.79 -16.84
CA HIS A 91 23.34 24.04 -17.45
C HIS A 91 23.78 23.79 -18.89
N GLY A 92 23.01 24.29 -19.86
CA GLY A 92 23.34 24.10 -21.25
C GLY A 92 22.14 23.66 -22.06
N GLN A 93 20.94 23.77 -21.48
CA GLN A 93 19.71 23.46 -22.18
C GLN A 93 18.75 24.63 -22.29
N LEU A 94 18.83 25.61 -21.41
CA LEU A 94 18.03 26.83 -21.53
C LEU A 94 18.84 27.86 -22.30
N LYS A 95 18.43 28.14 -23.54
CA LYS A 95 19.18 28.98 -24.44
C LYS A 95 18.29 30.10 -24.96
N GLU A 96 18.92 31.23 -25.29
CA GLU A 96 18.19 32.36 -25.84
C GLU A 96 17.77 32.06 -27.28
N ASP A 100 23.35 32.75 -26.22
CA ASP A 100 23.07 31.38 -25.83
C ASP A 100 23.29 31.15 -24.33
N VAL A 101 22.66 30.08 -23.83
CA VAL A 101 22.86 29.57 -22.47
C VAL A 101 22.36 30.56 -21.42
N ILE A 102 21.25 30.23 -20.78
CA ILE A 102 20.70 31.01 -19.68
C ILE A 102 20.93 30.21 -18.41
N GLU A 103 21.88 30.66 -17.59
CA GLU A 103 22.25 29.95 -16.37
C GLU A 103 21.37 30.40 -15.21
N LEU A 104 20.77 29.43 -14.52
CA LEU A 104 20.04 29.66 -13.28
C LEU A 104 20.99 29.33 -12.14
N LYS A 105 21.57 30.37 -11.53
CA LYS A 105 22.59 30.20 -10.50
C LYS A 105 22.06 30.46 -9.09
N TYR A 106 21.48 31.63 -8.84
CA TYR A 106 21.09 32.02 -7.48
C TYR A 106 19.60 32.36 -7.41
N PRO A 107 18.79 31.59 -6.71
CA PRO A 107 17.37 31.97 -6.53
C PRO A 107 17.25 33.19 -5.65
N LEU A 108 16.52 34.19 -6.13
CA LEU A 108 16.24 35.40 -5.36
C LEU A 108 15.01 35.13 -4.51
N ASN A 109 15.21 34.94 -3.21
CA ASN A 109 14.14 34.49 -2.33
C ASN A 109 13.11 35.59 -2.10
N CYS A 110 11.86 35.17 -1.95
CA CYS A 110 10.74 36.06 -1.68
C CYS A 110 10.47 36.12 -0.18
N ALA A 111 10.05 37.29 0.29
CA ALA A 111 9.75 37.50 1.70
C ALA A 111 8.25 37.48 1.99
N ASP A 112 7.42 37.31 0.98
CA ASP A 112 5.98 37.26 1.16
C ASP A 112 5.58 36.00 1.90
N PRO A 113 4.87 36.10 3.03
CA PRO A 113 4.43 34.89 3.74
C PRO A 113 3.02 34.45 3.38
N THR A 114 2.50 34.93 2.24
CA THR A 114 1.11 34.67 1.88
C THR A 114 0.88 33.18 1.58
N SER A 115 1.78 32.56 0.82
CA SER A 115 1.64 31.17 0.40
C SER A 115 2.06 30.17 1.48
N GLU A 116 2.16 30.59 2.73
CA GLU A 116 2.55 29.68 3.82
C GLU A 116 1.30 29.10 4.47
N ARG A 117 1.43 27.84 4.91
CA ARG A 117 0.30 27.13 5.49
C ARG A 117 -0.09 27.68 6.86
N TRP A 118 0.87 28.25 7.58
CA TRP A 118 0.66 28.70 8.95
C TRP A 118 0.31 30.18 9.05
N PHE A 119 0.24 30.91 7.93
CA PHE A 119 0.01 32.34 7.95
C PHE A 119 -1.46 32.65 7.68
N HIS A 120 -2.12 33.25 8.66
CA HIS A 120 -3.51 33.70 8.52
C HIS A 120 -3.52 35.20 8.77
N GLY A 121 -3.37 35.99 7.70
CA GLY A 121 -3.26 37.43 7.79
C GLY A 121 -4.29 38.11 8.66
N HIS A 122 -5.49 38.34 8.10
CA HIS A 122 -6.56 39.03 8.80
C HIS A 122 -7.29 38.03 9.70
N LEU A 123 -6.70 37.80 10.88
CA LEU A 123 -7.24 36.90 11.88
C LEU A 123 -6.96 37.48 13.25
N SER A 124 -7.98 37.56 14.10
CA SER A 124 -7.83 38.16 15.41
C SER A 124 -7.29 37.13 16.40
N GLY A 125 -7.15 37.54 17.67
CA GLY A 125 -6.60 36.68 18.68
C GLY A 125 -7.60 35.74 19.32
N LYS A 126 -8.85 36.17 19.42
CA LYS A 126 -9.86 35.32 20.05
C LYS A 126 -10.34 34.23 19.10
N GLU A 127 -10.45 34.54 17.81
CA GLU A 127 -10.74 33.50 16.83
C GLU A 127 -9.60 32.49 16.75
N ALA A 128 -8.36 32.96 16.93
CA ALA A 128 -7.21 32.06 16.84
C ALA A 128 -7.21 31.04 17.96
N GLU A 129 -7.58 31.46 19.18
CA GLU A 129 -7.60 30.52 20.29
C GLU A 129 -8.70 29.47 20.11
N LYS A 130 -9.87 29.90 19.65
CA LYS A 130 -10.96 28.94 19.41
C LYS A 130 -10.58 27.91 18.36
N LEU A 131 -9.80 28.33 17.34
CA LEU A 131 -9.36 27.37 16.34
C LEU A 131 -8.30 26.41 16.90
N LEU A 132 -7.35 26.93 17.68
CA LEU A 132 -6.31 26.07 18.24
C LEU A 132 -6.88 25.08 19.25
N THR A 133 -7.95 25.45 19.95
CA THR A 133 -8.52 24.56 20.96
C THR A 133 -9.46 23.53 20.36
N GLU A 134 -10.25 23.91 19.35
CA GLU A 134 -11.22 22.98 18.77
C GLU A 134 -10.55 22.02 17.80
N LYS A 135 -9.85 22.55 16.79
CA LYS A 135 -9.29 21.74 15.72
C LYS A 135 -7.81 21.42 15.90
N GLY A 136 -7.18 21.93 16.95
CA GLY A 136 -5.75 21.80 17.11
C GLY A 136 -5.35 20.62 17.99
N LYS A 137 -4.03 20.38 18.00
CA LYS A 137 -3.43 19.36 18.86
C LYS A 137 -2.06 19.87 19.29
N HIS A 138 -1.28 18.98 19.90
CA HIS A 138 0.04 19.37 20.37
C HIS A 138 0.95 19.72 19.20
N GLY A 139 1.53 20.92 19.24
CA GLY A 139 2.42 21.37 18.19
C GLY A 139 1.76 22.14 17.08
N SER A 140 0.46 22.35 17.13
CA SER A 140 -0.24 23.12 16.10
C SER A 140 0.00 24.60 16.32
N PHE A 141 0.41 25.30 15.26
CA PHE A 141 0.78 26.70 15.37
C PHE A 141 0.20 27.49 14.20
N LEU A 142 0.09 28.80 14.39
CA LEU A 142 -0.25 29.71 13.31
C LEU A 142 0.35 31.08 13.61
N VAL A 143 0.45 31.89 12.58
CA VAL A 143 0.95 33.26 12.67
C VAL A 143 -0.09 34.19 12.06
N ARG A 144 -0.41 35.27 12.76
CA ARG A 144 -1.45 36.20 12.34
C ARG A 144 -0.93 37.62 12.49
N GLU A 145 -1.61 38.55 11.81
CA GLU A 145 -1.25 39.95 11.92
C GLU A 145 -1.77 40.53 13.24
N SER A 146 -0.95 41.35 13.88
CA SER A 146 -1.29 41.86 15.19
C SER A 146 -2.36 42.94 15.09
N GLN A 147 -3.30 42.90 16.04
CA GLN A 147 -4.36 43.91 16.13
C GLN A 147 -3.92 45.12 16.94
N SER A 148 -3.17 44.90 18.02
CA SER A 148 -2.76 46.01 18.88
C SER A 148 -1.66 46.83 18.24
N HIS A 149 -0.55 46.18 17.86
CA HIS A 149 0.57 46.87 17.24
C HIS A 149 0.52 46.67 15.73
N PRO A 150 0.06 47.64 14.96
CA PRO A 150 -0.04 47.47 13.50
C PRO A 150 1.34 47.29 12.89
N GLY A 151 1.52 46.17 12.18
CA GLY A 151 2.80 45.80 11.61
C GLY A 151 3.47 44.65 12.33
N ASP A 152 3.13 44.40 13.59
CA ASP A 152 3.66 43.27 14.33
C ASP A 152 2.87 42.01 14.01
N PHE A 153 3.25 40.90 14.63
CA PHE A 153 2.58 39.62 14.43
C PHE A 153 2.53 38.88 15.77
N VAL A 154 1.77 37.79 15.79
CA VAL A 154 1.63 36.95 16.98
C VAL A 154 1.85 35.50 16.56
N LEU A 155 2.63 34.77 17.34
CA LEU A 155 2.82 33.34 17.16
C LEU A 155 2.00 32.62 18.22
N SER A 156 1.08 31.77 17.79
CA SER A 156 0.21 31.02 18.68
C SER A 156 0.53 29.54 18.53
N VAL A 157 0.92 28.90 19.64
CA VAL A 157 1.22 27.47 19.65
C VAL A 157 0.31 26.79 20.66
N ARG A 158 0.01 25.52 20.41
CA ARG A 158 -0.70 24.68 21.36
C ARG A 158 0.20 23.55 21.80
N THR A 159 0.36 23.39 23.12
CA THR A 159 1.18 22.35 23.70
C THR A 159 0.37 21.62 24.76
N GLY A 160 0.47 20.29 24.76
CA GLY A 160 -0.26 19.48 25.72
C GLY A 160 -0.20 18.00 25.43
N ASP A 161 -1.33 17.31 25.56
CA ASP A 161 -1.41 15.87 25.31
C ASP A 161 -2.31 15.56 24.12
N ASP A 168 -9.62 19.84 30.59
CA ASP A 168 -9.03 19.12 31.72
C ASP A 168 -7.78 19.82 32.24
N GLY A 169 -7.18 20.67 31.40
CA GLY A 169 -6.04 21.47 31.79
C GLY A 169 -4.70 20.96 31.30
N LYS A 170 -4.64 19.74 30.75
CA LYS A 170 -3.36 19.20 30.30
C LYS A 170 -2.84 19.88 29.04
N SER A 171 -3.65 20.69 28.36
CA SER A 171 -3.22 21.46 27.20
C SER A 171 -3.35 22.95 27.50
N LYS A 172 -2.64 23.74 26.70
CA LYS A 172 -2.72 25.19 26.79
C LYS A 172 -2.34 25.78 25.43
N VAL A 173 -2.51 27.10 25.31
CA VAL A 173 -2.12 27.84 24.12
C VAL A 173 -1.21 28.97 24.56
N THR A 174 0.01 28.99 24.05
CA THR A 174 0.99 30.02 24.37
C THR A 174 1.08 31.01 23.22
N HIS A 175 1.04 32.29 23.54
CA HIS A 175 1.21 33.35 22.56
C HIS A 175 2.64 33.87 22.60
N VAL A 176 3.17 34.22 21.44
CA VAL A 176 4.53 34.74 21.30
C VAL A 176 4.46 35.95 20.37
N MET A 177 4.75 37.13 20.92
CA MET A 177 4.71 38.34 20.11
C MET A 177 5.87 38.36 19.13
N ILE A 178 5.61 38.92 17.95
CA ILE A 178 6.61 39.06 16.90
C ILE A 178 6.46 40.47 16.37
N ARG A 179 7.50 41.28 16.55
CA ARG A 179 7.48 42.67 16.09
C ARG A 179 8.42 42.85 14.91
N CYS A 180 8.03 43.73 14.01
CA CYS A 180 8.78 44.02 12.79
C CYS A 180 9.46 45.37 12.95
N GLN A 181 10.80 45.38 12.87
CA GLN A 181 11.59 46.60 13.01
C GLN A 181 12.56 46.69 11.84
N GLU A 182 12.35 47.68 10.97
CA GLU A 182 13.20 47.93 9.81
C GLU A 182 13.36 46.67 8.95
N LEU A 183 12.21 46.20 8.44
CA LEU A 183 12.12 45.07 7.51
C LEU A 183 12.70 43.78 8.08
N LYS A 184 12.86 43.69 9.40
CA LYS A 184 13.38 42.50 10.04
C LYS A 184 12.49 42.13 11.22
N TYR A 185 12.39 40.82 11.48
CA TYR A 185 11.45 40.28 12.45
C TYR A 185 12.20 39.57 13.57
N ASP A 186 11.60 39.58 14.76
CA ASP A 186 12.22 38.96 15.92
C ASP A 186 11.14 38.75 16.97
N VAL A 187 11.46 37.89 17.95
CA VAL A 187 10.54 37.59 19.03
C VAL A 187 10.88 38.38 20.29
N GLY A 188 11.59 39.49 20.15
CA GLY A 188 11.96 40.31 21.29
C GLY A 188 13.35 40.09 21.82
N GLY A 189 14.13 39.18 21.22
CA GLY A 189 15.47 38.92 21.68
C GLY A 189 16.21 38.01 20.73
N GLY A 190 17.53 38.09 20.79
CA GLY A 190 18.38 37.22 20.00
C GLY A 190 18.60 37.68 18.58
N GLU A 191 18.21 36.84 17.63
CA GLU A 191 18.43 37.09 16.21
C GLU A 191 17.25 37.81 15.58
N ARG A 192 17.54 38.65 14.58
CA ARG A 192 16.54 39.38 13.83
C ARG A 192 16.50 38.86 12.39
N PHE A 193 15.36 38.28 12.00
CA PHE A 193 15.23 37.57 10.75
C PHE A 193 14.69 38.46 9.63
N ASP A 194 15.08 38.15 8.40
CA ASP A 194 14.71 38.96 7.25
C ASP A 194 13.27 38.73 6.80
N SER A 195 12.63 37.64 7.22
CA SER A 195 11.25 37.36 6.83
C SER A 195 10.60 36.48 7.89
N LEU A 196 9.26 36.47 7.88
CA LEU A 196 8.53 35.63 8.81
C LEU A 196 8.88 34.16 8.61
N THR A 197 9.04 33.72 7.36
CA THR A 197 9.34 32.31 7.14
C THR A 197 10.74 31.95 7.63
N ASP A 198 11.69 32.87 7.48
CA ASP A 198 13.01 32.67 8.06
C ASP A 198 12.92 32.50 9.58
N LEU A 199 12.06 33.30 10.21
CA LEU A 199 11.86 33.19 11.65
C LEU A 199 11.17 31.89 12.02
N VAL A 200 10.13 31.50 11.27
CA VAL A 200 9.39 30.29 11.59
C VAL A 200 10.26 29.05 11.36
N GLU A 201 10.99 29.02 10.24
CA GLU A 201 11.84 27.87 9.96
C GLU A 201 12.95 27.72 11.00
N HIS A 202 13.38 28.83 11.61
CA HIS A 202 14.41 28.76 12.64
C HIS A 202 13.88 28.09 13.90
N TYR A 203 12.75 28.58 14.43
CA TYR A 203 12.18 28.02 15.64
C TYR A 203 11.42 26.72 15.37
N LYS A 204 11.24 26.34 14.12
CA LYS A 204 10.85 24.97 13.81
C LYS A 204 12.02 24.00 13.96
N LYS A 205 13.25 24.52 13.95
CA LYS A 205 14.45 23.71 14.06
C LYS A 205 14.98 23.66 15.49
N ASN A 206 15.08 24.81 16.15
CA ASN A 206 15.41 24.90 17.57
C ASN A 206 14.30 25.67 18.28
N PRO A 207 13.30 24.98 18.79
CA PRO A 207 12.13 25.67 19.34
C PRO A 207 12.45 26.39 20.64
N MET A 208 11.62 27.41 20.92
CA MET A 208 11.77 28.20 22.13
C MET A 208 11.46 27.36 23.37
N VAL A 209 12.18 27.67 24.45
CA VAL A 209 11.97 27.04 25.75
C VAL A 209 11.56 28.13 26.73
N GLU A 210 10.54 27.85 27.52
CA GLU A 210 10.04 28.82 28.49
C GLU A 210 10.94 28.81 29.73
N THR A 211 10.51 29.53 30.77
CA THR A 211 11.32 29.64 31.98
C THR A 211 11.25 28.38 32.83
N LEU A 212 10.08 27.74 32.89
CA LEU A 212 9.85 26.62 33.79
C LEU A 212 9.82 25.27 33.06
N GLY A 213 10.26 25.21 31.81
CA GLY A 213 10.44 23.93 31.16
C GLY A 213 9.82 23.76 29.79
N THR A 214 8.58 24.19 29.61
CA THR A 214 7.83 23.90 28.40
C THR A 214 8.54 24.45 27.16
N VAL A 215 8.50 23.68 26.08
CA VAL A 215 9.17 24.02 24.83
C VAL A 215 8.11 24.17 23.74
N LEU A 216 8.10 25.34 23.09
CA LEU A 216 7.11 25.66 22.07
C LEU A 216 7.47 24.95 20.77
N GLN A 217 7.07 23.69 20.68
CA GLN A 217 7.37 22.87 19.51
C GLN A 217 6.43 23.23 18.36
N LEU A 218 7.02 23.54 17.21
CA LEU A 218 6.26 23.88 16.01
C LEU A 218 6.25 22.65 15.10
N LYS A 219 5.16 21.89 15.15
CA LYS A 219 5.05 20.66 14.38
C LYS A 219 4.32 20.90 13.06
N GLN A 220 2.99 20.92 13.11
CA GLN A 220 2.15 21.10 11.94
C GLN A 220 1.40 22.42 12.02
N PRO A 221 1.14 23.06 10.88
CA PRO A 221 0.28 24.24 10.89
C PRO A 221 -1.16 23.85 11.19
N LEU A 222 -1.88 24.75 11.84
CA LEU A 222 -3.28 24.49 12.15
C LEU A 222 -4.08 24.29 10.87
N ASN A 223 -4.90 23.24 10.85
CA ASN A 223 -5.65 22.91 9.65
C ASN A 223 -6.75 23.95 9.43
N THR A 224 -6.72 24.60 8.26
CA THR A 224 -7.74 25.55 7.86
C THR A 224 -8.69 24.99 6.82
N THR A 225 -8.23 24.03 6.02
CA THR A 225 -8.91 23.64 4.79
C THR A 225 -9.87 22.47 4.95
N ARG A 226 -9.73 21.67 6.01
CA ARG A 226 -10.66 20.58 6.21
C ARG A 226 -12.04 21.13 6.55
N ILE A 227 -13.05 20.71 5.79
CA ILE A 227 -14.40 21.21 5.96
C ILE A 227 -15.35 20.02 6.06
N ASN A 228 -16.55 20.30 6.57
CA ASN A 228 -17.61 19.31 6.59
C ASN A 228 -18.30 19.30 5.23
N ALA A 229 -18.40 18.11 4.63
CA ALA A 229 -18.94 18.01 3.28
C ALA A 229 -20.35 18.58 3.18
N ALA A 230 -21.12 18.54 4.28
CA ALA A 230 -22.47 19.06 4.27
C ALA A 230 -22.49 20.54 3.90
N GLU A 231 -21.67 21.35 4.58
CA GLU A 231 -21.65 22.80 4.36
C GLU A 231 -20.50 23.19 3.44
N ILE A 232 -20.52 22.61 2.24
CA ILE A 232 -19.51 22.96 1.25
C ILE A 232 -19.91 24.18 0.42
N GLU A 233 -21.23 24.41 0.24
CA GLU A 233 -21.67 25.56 -0.53
C GLU A 233 -21.33 26.87 0.16
N SER A 234 -21.27 26.87 1.49
CA SER A 234 -20.86 28.08 2.22
C SER A 234 -19.35 28.32 2.08
N ARG A 235 -18.56 27.24 2.07
CA ARG A 235 -17.11 27.40 1.95
C ARG A 235 -16.71 27.92 0.58
N VAL A 236 -17.44 27.53 -0.47
CA VAL A 236 -17.18 28.08 -1.80
C VAL A 236 -17.53 29.57 -1.84
N ARG A 237 -18.56 29.97 -1.08
CA ARG A 237 -18.85 31.39 -0.93
C ARG A 237 -17.71 32.13 -0.23
N GLU A 238 -16.96 31.43 0.62
CA GLU A 238 -15.81 32.04 1.27
C GLU A 238 -14.68 32.29 0.27
N LEU A 239 -14.33 31.26 -0.51
CA LEU A 239 -13.18 31.32 -1.39
C LEU A 239 -13.42 32.12 -2.66
N SER A 240 -14.67 32.50 -2.95
CA SER A 240 -15.00 33.07 -4.25
C SER A 240 -15.31 34.56 -4.23
N LYS A 241 -15.58 35.15 -3.07
CA LYS A 241 -15.89 36.57 -3.03
C LYS A 241 -14.64 37.40 -3.36
N LEU A 242 -14.86 38.53 -4.02
CA LEU A 242 -13.76 39.33 -4.55
C LEU A 242 -13.39 40.47 -3.61
N GLN A 251 -7.30 36.37 -3.92
CA GLN A 251 -8.58 35.76 -3.63
C GLN A 251 -8.39 34.54 -2.71
N GLY A 252 -9.47 34.10 -2.08
CA GLY A 252 -9.39 32.92 -1.23
C GLY A 252 -9.07 31.66 -2.02
N PHE A 253 -9.74 31.48 -3.16
CA PHE A 253 -9.40 30.36 -4.05
C PHE A 253 -7.96 30.44 -4.50
N TRP A 254 -7.50 31.65 -4.83
CA TRP A 254 -6.12 31.83 -5.26
C TRP A 254 -5.15 31.58 -4.12
N GLU A 255 -5.50 32.01 -2.90
CA GLU A 255 -4.63 31.79 -1.75
C GLU A 255 -4.48 30.30 -1.47
N GLU A 256 -5.60 29.58 -1.36
CA GLU A 256 -5.56 28.17 -1.01
C GLU A 256 -4.80 27.36 -2.06
N PHE A 257 -4.97 27.71 -3.34
CA PHE A 257 -4.29 26.97 -4.39
C PHE A 257 -2.81 27.32 -4.46
N GLU A 258 -2.46 28.60 -4.34
CA GLU A 258 -1.06 28.98 -4.42
C GLU A 258 -0.28 28.48 -3.21
N THR A 259 -0.93 28.37 -2.04
CA THR A 259 -0.29 27.76 -0.88
C THR A 259 0.02 26.29 -1.15
N LEU A 260 -0.91 25.58 -1.80
CA LEU A 260 -0.66 24.19 -2.19
C LEU A 260 0.51 24.09 -3.15
N GLN A 261 0.60 25.02 -4.11
CA GLN A 261 1.71 25.01 -5.06
C GLN A 261 3.05 25.23 -4.36
N GLN A 262 3.03 25.96 -3.24
CA GLN A 262 4.27 26.20 -2.49
C GLN A 262 4.87 24.90 -1.96
N GLN A 263 4.04 23.90 -1.69
CA GLN A 263 4.49 22.65 -1.09
C GLN A 263 4.94 21.61 -2.12
N GLU A 264 5.00 21.97 -3.40
CA GLU A 264 5.42 20.99 -4.41
C GLU A 264 6.92 20.69 -4.32
N CYS A 265 7.72 21.58 -3.73
CA CYS A 265 9.14 21.32 -3.56
C CYS A 265 9.41 20.16 -2.60
N LYS A 266 8.46 19.84 -1.72
CA LYS A 266 8.56 18.68 -0.84
C LYS A 266 8.35 17.35 -1.57
N LEU A 267 8.02 17.38 -2.87
CA LEU A 267 7.69 16.18 -3.61
C LEU A 267 8.66 15.89 -4.75
N LEU A 268 9.91 16.37 -4.65
CA LEU A 268 10.92 16.11 -5.68
C LEU A 268 11.52 14.72 -5.52
N TYR A 269 10.66 13.70 -5.54
CA TYR A 269 11.10 12.32 -5.46
C TYR A 269 11.87 11.93 -6.72
N SER A 270 12.69 10.89 -6.60
CA SER A 270 13.53 10.46 -7.70
C SER A 270 12.69 9.90 -8.87
N ARG A 271 13.22 10.08 -10.08
CA ARG A 271 12.57 9.63 -11.30
C ARG A 271 13.62 9.07 -12.27
N LYS A 272 14.54 8.26 -11.73
CA LYS A 272 15.69 7.80 -12.50
C LYS A 272 15.29 6.79 -13.56
N GLU A 273 14.36 5.88 -13.25
CA GLU A 273 14.01 4.82 -14.19
C GLU A 273 13.48 5.38 -15.51
N GLY A 274 12.77 6.51 -15.45
CA GLY A 274 12.33 7.16 -16.68
C GLY A 274 13.43 7.92 -17.40
N GLN A 275 14.50 8.27 -16.70
CA GLN A 275 15.61 9.00 -17.29
C GLN A 275 16.63 8.09 -17.97
N ARG A 276 16.53 6.78 -17.79
CA ARG A 276 17.50 5.87 -18.37
C ARG A 276 17.46 5.95 -19.89
N GLN A 277 18.59 5.64 -20.52
CA GLN A 277 18.66 5.71 -21.98
C GLN A 277 17.70 4.73 -22.64
N GLU A 278 17.49 3.55 -22.04
CA GLU A 278 16.62 2.54 -22.63
C GLU A 278 15.17 2.99 -22.68
N ASN A 279 14.78 3.97 -21.87
CA ASN A 279 13.38 4.35 -21.71
C ASN A 279 13.07 5.77 -22.16
N LYS A 280 14.00 6.43 -22.86
CA LYS A 280 13.77 7.82 -23.25
C LYS A 280 12.63 7.94 -24.26
N ASN A 281 12.55 7.01 -25.21
CA ASN A 281 11.55 7.11 -26.26
C ASN A 281 10.18 6.60 -25.83
N LYS A 282 10.05 6.02 -24.64
CA LYS A 282 8.77 5.54 -24.15
C LYS A 282 7.97 6.60 -23.42
N ASN A 283 8.48 7.82 -23.32
CA ASN A 283 7.77 8.93 -22.69
C ASN A 283 7.30 9.89 -23.77
N ARG A 284 6.04 10.31 -23.68
CA ARG A 284 5.54 11.32 -24.60
C ARG A 284 6.27 12.64 -24.42
N TYR A 285 6.53 13.01 -23.17
CA TYR A 285 7.31 14.20 -22.82
C TYR A 285 8.45 13.76 -21.92
N LYS A 286 9.69 13.92 -22.41
CA LYS A 286 10.82 13.27 -21.77
C LYS A 286 11.12 13.76 -20.36
N ASN A 287 10.54 14.86 -19.92
CA ASN A 287 10.76 15.37 -18.57
C ASN A 287 9.57 15.17 -17.64
N ILE A 288 8.49 14.56 -18.13
CA ILE A 288 7.35 14.19 -17.30
C ILE A 288 7.47 12.69 -17.05
N LEU A 289 8.06 12.32 -15.92
CA LEU A 289 8.39 10.93 -15.66
C LEU A 289 7.69 10.43 -14.40
N PRO A 290 7.44 9.11 -14.33
CA PRO A 290 6.83 8.55 -13.12
C PRO A 290 7.82 8.50 -11.98
N PHE A 291 7.29 8.65 -10.76
CA PHE A 291 8.12 8.44 -9.58
C PHE A 291 8.59 6.99 -9.54
N ASP A 292 9.84 6.79 -9.11
CA ASP A 292 10.38 5.45 -9.04
C ASP A 292 9.63 4.60 -8.01
N HIS A 293 9.24 5.21 -6.88
CA HIS A 293 8.68 4.43 -5.78
C HIS A 293 7.22 4.06 -5.96
N THR A 294 6.52 4.65 -6.94
CA THR A 294 5.15 4.26 -7.23
C THR A 294 4.92 3.92 -8.71
N ARG A 295 5.97 3.77 -9.50
CA ARG A 295 5.81 3.47 -10.91
C ARG A 295 5.23 2.07 -11.09
N VAL A 296 4.48 1.91 -12.18
CA VAL A 296 3.97 0.59 -12.56
C VAL A 296 5.11 -0.19 -13.21
N VAL A 297 5.48 -1.30 -12.61
CA VAL A 297 6.58 -2.14 -13.08
C VAL A 297 5.98 -3.35 -13.79
N LEU A 298 6.44 -3.60 -15.01
CA LEU A 298 6.01 -4.74 -15.81
C LEU A 298 6.97 -5.91 -15.57
N HIS A 299 6.45 -6.98 -14.97
CA HIS A 299 7.25 -8.15 -14.62
C HIS A 299 6.65 -9.39 -15.30
N ASP A 300 7.09 -9.63 -16.53
CA ASP A 300 6.69 -10.82 -17.29
C ASP A 300 7.73 -11.17 -18.35
N VAL A 307 12.67 -9.13 -20.10
CA VAL A 307 11.61 -8.29 -20.63
C VAL A 307 11.71 -6.86 -20.08
N SER A 308 11.22 -5.90 -20.85
CA SER A 308 11.21 -4.51 -20.40
C SER A 308 10.18 -4.31 -19.29
N ASP A 309 10.51 -3.45 -18.33
CA ASP A 309 9.70 -3.23 -17.14
C ASP A 309 9.09 -1.84 -17.08
N TYR A 310 9.39 -0.98 -18.04
CA TYR A 310 9.08 0.44 -17.92
C TYR A 310 7.81 0.79 -18.69
N ILE A 311 6.97 1.60 -18.03
CA ILE A 311 5.85 2.27 -18.68
C ILE A 311 5.60 3.54 -17.89
N ASN A 312 5.31 4.63 -18.62
CA ASN A 312 5.08 5.93 -17.98
C ASN A 312 3.72 5.90 -17.29
N ALA A 313 3.71 5.31 -16.09
CA ALA A 313 2.49 5.12 -15.33
C ALA A 313 2.81 5.00 -13.85
N ASN A 314 1.89 5.46 -13.01
CA ASN A 314 2.02 5.36 -11.56
C ASN A 314 0.72 4.84 -10.96
N ILE A 315 0.86 4.07 -9.88
CA ILE A 315 -0.30 3.62 -9.11
C ILE A 315 -0.64 4.69 -8.09
N ILE A 316 -1.91 5.09 -8.06
CA ILE A 316 -2.41 6.17 -7.23
C ILE A 316 -3.33 5.57 -6.18
N MET A 317 -3.01 5.79 -4.91
CA MET A 317 -3.79 5.26 -3.80
C MET A 317 -4.42 6.38 -3.00
N PRO A 318 -5.71 6.29 -2.67
CA PRO A 318 -6.38 7.27 -1.81
C PRO A 318 -6.09 7.06 -0.32
N LYS A 330 -11.47 1.97 -1.08
CA LYS A 330 -10.85 0.67 -1.28
C LYS A 330 -10.69 0.38 -2.78
N LYS A 331 -10.55 1.44 -3.56
CA LYS A 331 -10.29 1.37 -4.99
C LYS A 331 -9.06 2.21 -5.31
N SER A 332 -8.21 1.71 -6.20
CA SER A 332 -7.01 2.42 -6.61
C SER A 332 -7.12 2.79 -8.09
N TYR A 333 -6.20 3.65 -8.53
CA TYR A 333 -6.18 4.15 -9.90
C TYR A 333 -4.78 3.99 -10.48
N ILE A 334 -4.71 4.04 -11.80
CA ILE A 334 -3.44 4.11 -12.53
C ILE A 334 -3.47 5.36 -13.37
N ALA A 335 -2.51 6.26 -13.14
CA ALA A 335 -2.36 7.48 -13.92
C ALA A 335 -1.24 7.27 -14.92
N THR A 336 -1.52 7.47 -16.20
CA THR A 336 -0.55 7.22 -17.24
C THR A 336 -0.73 8.23 -18.38
N GLN A 337 0.33 8.36 -19.18
CA GLN A 337 0.28 9.24 -20.34
C GLN A 337 -0.64 8.66 -21.41
N GLY A 338 -0.93 9.46 -22.42
CA GLY A 338 -1.54 8.93 -23.62
C GLY A 338 -0.60 7.98 -24.33
N CYS A 339 -1.18 6.94 -24.94
CA CYS A 339 -0.36 5.92 -25.57
C CYS A 339 0.48 6.49 -26.70
N LEU A 340 1.77 6.15 -26.70
CA LEU A 340 2.60 6.35 -27.87
C LEU A 340 2.46 5.16 -28.80
N GLN A 341 2.65 5.41 -30.10
CA GLN A 341 2.60 4.34 -31.09
C GLN A 341 3.62 3.24 -30.80
N ASN A 342 4.67 3.54 -30.06
CA ASN A 342 5.68 2.55 -29.69
C ASN A 342 5.49 2.02 -28.27
N THR A 343 4.47 2.46 -27.56
CA THR A 343 4.18 1.96 -26.21
C THR A 343 2.79 1.33 -26.10
N VAL A 344 2.09 1.13 -27.23
CA VAL A 344 0.75 0.54 -27.18
C VAL A 344 0.82 -0.90 -26.68
N ASN A 345 1.80 -1.66 -27.15
CA ASN A 345 1.95 -3.03 -26.66
C ASN A 345 2.24 -3.05 -25.17
N ASP A 346 3.03 -2.09 -24.69
CA ASP A 346 3.30 -2.00 -23.26
C ASP A 346 2.06 -1.55 -22.48
N PHE A 347 1.20 -0.75 -23.10
CA PHE A 347 -0.02 -0.31 -22.42
C PHE A 347 -0.91 -1.51 -22.09
N TRP A 348 -1.12 -2.40 -23.07
CA TRP A 348 -1.96 -3.57 -22.83
C TRP A 348 -1.28 -4.62 -21.94
N ARG A 349 0.05 -4.65 -21.91
CA ARG A 349 0.73 -5.50 -20.93
C ARG A 349 0.42 -5.04 -19.52
N MET A 350 0.36 -3.73 -19.31
CA MET A 350 0.03 -3.19 -17.99
C MET A 350 -1.41 -3.51 -17.62
N VAL A 351 -2.35 -3.27 -18.54
CA VAL A 351 -3.76 -3.51 -18.24
C VAL A 351 -3.99 -4.98 -17.90
N PHE A 352 -3.30 -5.89 -18.59
CA PHE A 352 -3.45 -7.31 -18.28
C PHE A 352 -2.81 -7.66 -16.94
N GLN A 353 -1.63 -7.09 -16.66
CA GLN A 353 -0.93 -7.42 -15.42
C GLN A 353 -1.71 -6.95 -14.20
N GLU A 354 -2.13 -5.67 -14.20
CA GLU A 354 -2.84 -5.09 -13.07
C GLU A 354 -4.30 -5.53 -12.99
N ASN A 355 -4.75 -6.37 -13.92
CA ASN A 355 -6.13 -6.88 -13.94
C ASN A 355 -7.15 -5.75 -13.96
N SER A 356 -6.86 -4.72 -14.74
CA SER A 356 -7.78 -3.59 -14.88
C SER A 356 -8.92 -3.97 -15.82
N ARG A 357 -10.12 -3.53 -15.46
CA ARG A 357 -11.31 -3.79 -16.26
C ARG A 357 -12.02 -2.52 -16.70
N VAL A 358 -11.55 -1.35 -16.29
CA VAL A 358 -12.16 -0.07 -16.65
C VAL A 358 -11.06 0.90 -17.04
N ILE A 359 -11.21 1.55 -18.20
CA ILE A 359 -10.28 2.56 -18.68
C ILE A 359 -11.03 3.88 -18.83
N VAL A 360 -10.43 4.96 -18.37
CA VAL A 360 -11.01 6.29 -18.44
C VAL A 360 -10.09 7.15 -19.30
N MET A 361 -10.58 7.55 -20.47
CA MET A 361 -9.84 8.38 -21.40
C MET A 361 -10.51 9.74 -21.46
N THR A 362 -9.75 10.80 -21.17
CA THR A 362 -10.31 12.13 -21.03
C THR A 362 -9.73 13.09 -22.07
N THR A 363 -9.27 12.56 -23.19
CA THR A 363 -8.70 13.38 -24.24
C THR A 363 -9.09 12.81 -25.60
N LYS A 364 -8.98 13.65 -26.62
CA LYS A 364 -9.05 13.15 -27.99
C LYS A 364 -7.68 12.63 -28.42
N GLU A 365 -7.67 11.87 -29.51
CA GLU A 365 -6.42 11.35 -30.04
C GLU A 365 -5.54 12.49 -30.55
N VAL A 366 -6.12 13.49 -31.19
CA VAL A 366 -5.42 14.71 -31.56
C VAL A 366 -6.23 15.90 -31.05
N GLU A 367 -5.57 16.83 -30.38
CA GLU A 367 -6.18 18.08 -29.95
C GLU A 367 -5.37 19.24 -30.52
N ARG A 368 -6.07 20.26 -30.99
CA ARG A 368 -5.45 21.32 -31.77
C ARG A 368 -4.69 20.71 -32.95
N GLY A 369 -3.38 20.51 -32.80
CA GLY A 369 -2.59 20.09 -33.95
C GLY A 369 -1.74 18.84 -33.80
N LYS A 370 -1.50 18.38 -32.57
CA LYS A 370 -0.62 17.25 -32.33
C LYS A 370 -1.37 16.13 -31.62
N SER A 371 -0.86 14.91 -31.80
CA SER A 371 -1.48 13.72 -31.21
C SER A 371 -1.26 13.72 -29.70
N LYS A 372 -2.36 13.83 -28.95
CA LYS A 372 -2.32 13.66 -27.50
C LYS A 372 -2.37 12.19 -27.09
N CYS A 373 -2.77 11.30 -28.00
CA CYS A 373 -2.94 9.88 -27.70
C CYS A 373 -3.08 9.13 -29.01
N VAL A 374 -2.54 7.93 -29.06
CA VAL A 374 -2.66 7.07 -30.24
C VAL A 374 -3.84 6.13 -30.05
N LYS A 375 -4.62 5.93 -31.13
CA LYS A 375 -5.74 5.00 -31.08
C LYS A 375 -5.24 3.59 -30.75
N TYR A 376 -5.48 3.15 -29.52
CA TYR A 376 -4.97 1.87 -29.04
C TYR A 376 -6.05 0.80 -28.96
N TRP A 377 -7.20 1.02 -29.58
CA TRP A 377 -8.31 0.08 -29.57
C TRP A 377 -8.79 -0.17 -30.98
N PRO A 378 -9.22 -1.39 -31.30
CA PRO A 378 -9.76 -1.67 -32.63
C PRO A 378 -11.11 -1.01 -32.82
N ASP A 379 -11.45 -0.78 -34.08
CA ASP A 379 -12.74 -0.18 -34.40
C ASP A 379 -13.86 -1.17 -34.08
N GLU A 380 -15.07 -0.65 -34.03
CA GLU A 380 -16.23 -1.44 -33.61
C GLU A 380 -16.38 -2.67 -34.50
N TYR A 381 -16.58 -3.83 -33.86
CA TYR A 381 -16.72 -5.16 -34.44
C TYR A 381 -15.40 -5.72 -34.96
N ALA A 382 -14.28 -5.00 -34.82
CA ALA A 382 -13.00 -5.49 -35.29
C ALA A 382 -12.19 -6.07 -34.14
N LEU A 383 -11.12 -6.79 -34.50
CA LEU A 383 -10.24 -7.44 -33.55
C LEU A 383 -8.81 -7.21 -33.97
N LYS A 384 -7.95 -6.84 -33.01
CA LYS A 384 -6.55 -6.54 -33.29
C LYS A 384 -5.67 -7.27 -32.31
N GLU A 385 -4.42 -7.47 -32.71
CA GLU A 385 -3.38 -8.05 -31.86
C GLU A 385 -2.34 -6.99 -31.54
N TYR A 386 -2.07 -6.79 -30.26
CA TYR A 386 -1.07 -5.85 -29.77
C TYR A 386 0.01 -6.66 -29.06
N GLY A 387 0.95 -7.17 -29.84
CA GLY A 387 1.96 -8.04 -29.27
C GLY A 387 1.34 -9.38 -28.89
N VAL A 388 1.59 -9.81 -27.65
CA VAL A 388 0.98 -11.03 -27.13
C VAL A 388 -0.46 -10.83 -26.69
N MET A 389 -0.96 -9.61 -26.72
CA MET A 389 -2.31 -9.30 -26.27
C MET A 389 -3.24 -9.14 -27.48
N ARG A 390 -4.50 -9.51 -27.27
CA ARG A 390 -5.51 -9.47 -28.32
C ARG A 390 -6.74 -8.76 -27.79
N VAL A 391 -7.24 -7.77 -28.54
CA VAL A 391 -8.37 -6.96 -28.15
C VAL A 391 -9.42 -7.02 -29.24
N ARG A 392 -10.68 -7.23 -28.86
CA ARG A 392 -11.81 -7.17 -29.76
C ARG A 392 -12.75 -6.06 -29.28
N ASN A 393 -13.22 -5.23 -30.21
CA ASN A 393 -14.23 -4.22 -29.91
C ASN A 393 -15.60 -4.83 -30.14
N VAL A 394 -16.34 -5.07 -29.06
CA VAL A 394 -17.60 -5.79 -29.16
C VAL A 394 -18.77 -4.85 -29.42
N LYS A 395 -18.81 -3.69 -28.77
CA LYS A 395 -19.96 -2.79 -28.90
C LYS A 395 -19.55 -1.41 -28.44
N GLU A 396 -19.75 -0.41 -29.31
CA GLU A 396 -19.57 0.99 -28.96
C GLU A 396 -20.92 1.58 -28.62
N SER A 397 -21.03 2.13 -27.41
CA SER A 397 -22.28 2.70 -26.90
C SER A 397 -22.04 4.20 -26.68
N ALA A 398 -22.36 4.99 -27.71
CA ALA A 398 -22.18 6.43 -27.62
C ALA A 398 -23.20 7.05 -26.68
N ALA A 399 -22.82 8.17 -26.08
CA ALA A 399 -23.66 8.83 -25.08
C ALA A 399 -23.49 10.35 -25.22
N HIS A 400 -24.08 11.08 -24.28
CA HIS A 400 -24.08 12.53 -24.32
C HIS A 400 -22.66 13.09 -24.23
N ASP A 401 -21.95 12.76 -23.15
CA ASP A 401 -20.64 13.34 -22.88
C ASP A 401 -19.48 12.41 -23.25
N TYR A 402 -19.75 11.16 -23.59
CA TYR A 402 -18.67 10.18 -23.76
C TYR A 402 -19.11 9.11 -24.74
N THR A 403 -18.22 8.14 -24.96
CA THR A 403 -18.48 6.97 -25.78
C THR A 403 -17.93 5.75 -25.06
N LEU A 404 -18.82 4.81 -24.71
CA LEU A 404 -18.41 3.60 -24.01
C LEU A 404 -18.11 2.49 -25.01
N ARG A 405 -16.94 1.87 -24.85
CA ARG A 405 -16.51 0.76 -25.70
C ARG A 405 -16.29 -0.47 -24.84
N GLU A 406 -16.99 -1.56 -25.17
CA GLU A 406 -16.81 -2.84 -24.50
C GLU A 406 -15.74 -3.62 -25.26
N LEU A 407 -14.61 -3.87 -24.61
CA LEU A 407 -13.46 -4.50 -25.23
C LEU A 407 -13.18 -5.85 -24.57
N LYS A 408 -12.83 -6.84 -25.38
CA LYS A 408 -12.47 -8.16 -24.87
C LYS A 408 -10.95 -8.28 -24.97
N LEU A 409 -10.28 -8.14 -23.84
CA LEU A 409 -8.84 -8.30 -23.76
C LEU A 409 -8.50 -9.75 -23.47
N SER A 410 -7.52 -10.29 -24.19
CA SER A 410 -7.07 -11.65 -23.96
C SER A 410 -5.62 -11.77 -24.39
N LYS A 411 -5.02 -12.91 -24.06
CA LYS A 411 -3.65 -13.21 -24.40
C LYS A 411 -3.61 -14.35 -25.42
N VAL A 412 -2.74 -14.21 -26.41
CA VAL A 412 -2.65 -15.22 -27.46
C VAL A 412 -2.14 -16.53 -26.86
N GLY A 413 -2.63 -17.65 -27.39
CA GLY A 413 -2.22 -18.95 -26.93
C GLY A 413 -3.34 -19.77 -26.29
N GLN A 414 -3.51 -19.63 -24.97
CA GLN A 414 -4.49 -20.44 -24.26
C GLN A 414 -5.92 -20.05 -24.64
N GLY A 415 -6.17 -18.75 -24.82
CA GLY A 415 -7.48 -18.27 -25.25
C GLY A 415 -8.44 -17.89 -24.14
N ASN A 416 -8.47 -18.67 -23.05
CA ASN A 416 -9.41 -18.44 -21.95
C ASN A 416 -8.99 -17.29 -21.05
N THR A 417 -8.01 -16.49 -21.45
CA THR A 417 -7.61 -15.31 -20.70
C THR A 417 -8.54 -14.13 -20.94
N GLU A 418 -9.66 -14.34 -21.63
CA GLU A 418 -10.51 -13.24 -22.07
C GLU A 418 -11.26 -12.63 -20.88
N ARG A 419 -11.02 -11.33 -20.64
CA ARG A 419 -11.79 -10.56 -19.67
C ARG A 419 -12.25 -9.27 -20.33
N THR A 420 -13.40 -8.78 -19.89
CA THR A 420 -13.98 -7.58 -20.48
C THR A 420 -13.35 -6.33 -19.87
N VAL A 421 -12.84 -5.44 -20.73
CA VAL A 421 -12.29 -4.16 -20.34
C VAL A 421 -13.21 -3.09 -20.90
N TRP A 422 -13.88 -2.34 -20.01
CA TRP A 422 -14.77 -1.26 -20.40
C TRP A 422 -13.95 0.02 -20.54
N GLN A 423 -13.93 0.58 -21.74
CA GLN A 423 -13.17 1.79 -22.04
C GLN A 423 -14.13 2.96 -22.16
N TYR A 424 -14.08 3.87 -21.19
CA TYR A 424 -14.89 5.08 -21.20
C TYR A 424 -14.08 6.22 -21.80
N HIS A 425 -14.63 6.85 -22.85
CA HIS A 425 -13.90 7.86 -23.61
C HIS A 425 -14.67 9.18 -23.51
N PHE A 426 -14.23 10.04 -22.59
CA PHE A 426 -14.82 11.37 -22.45
C PHE A 426 -14.34 12.27 -23.58
N ARG A 427 -15.26 13.06 -24.14
CA ARG A 427 -14.93 13.94 -25.25
C ARG A 427 -15.59 15.31 -25.20
N THR A 428 -16.49 15.57 -24.25
CA THR A 428 -17.03 16.92 -24.07
C THR A 428 -16.15 17.77 -23.17
N TRP A 429 -14.83 17.68 -23.33
CA TRP A 429 -13.90 18.48 -22.55
C TRP A 429 -13.25 19.53 -23.42
N PRO A 430 -13.17 20.79 -22.99
CA PRO A 430 -12.64 21.83 -23.86
C PRO A 430 -11.16 21.62 -24.18
N ASP A 431 -10.69 22.34 -25.21
CA ASP A 431 -9.28 22.33 -25.54
C ASP A 431 -8.47 23.19 -24.59
N HIS A 432 -9.10 24.18 -23.97
CA HIS A 432 -8.47 25.02 -22.97
C HIS A 432 -9.43 25.19 -21.79
N GLY A 433 -8.88 25.16 -20.59
CA GLY A 433 -9.69 25.36 -19.41
C GLY A 433 -10.47 24.11 -19.03
N VAL A 434 -11.56 24.35 -18.31
CA VAL A 434 -12.41 23.29 -17.76
C VAL A 434 -13.82 23.51 -18.26
N PRO A 435 -14.67 22.49 -18.21
CA PRO A 435 -16.09 22.69 -18.55
C PRO A 435 -16.75 23.68 -17.61
N SER A 436 -17.77 24.37 -18.14
CA SER A 436 -18.54 25.32 -17.33
C SER A 436 -19.41 24.62 -16.30
N ASP A 437 -19.88 23.42 -16.60
CA ASP A 437 -20.76 22.66 -15.74
C ASP A 437 -20.13 21.31 -15.42
N PRO A 438 -20.11 20.89 -14.15
CA PRO A 438 -19.55 19.57 -13.82
C PRO A 438 -20.51 18.40 -14.03
N GLY A 439 -21.70 18.64 -14.58
CA GLY A 439 -22.68 17.57 -14.70
C GLY A 439 -22.20 16.43 -15.60
N GLY A 440 -21.64 16.77 -16.76
CA GLY A 440 -21.15 15.74 -17.66
C GLY A 440 -20.04 14.90 -17.06
N VAL A 441 -19.15 15.54 -16.29
CA VAL A 441 -18.08 14.79 -15.64
C VAL A 441 -18.64 13.97 -14.49
N LEU A 442 -19.59 14.55 -13.73
CA LEU A 442 -20.14 13.85 -12.57
C LEU A 442 -20.91 12.60 -12.97
N ASP A 443 -21.74 12.70 -14.01
CA ASP A 443 -22.46 11.51 -14.48
C ASP A 443 -21.49 10.49 -15.08
N PHE A 444 -20.46 10.98 -15.76
CA PHE A 444 -19.44 10.09 -16.31
C PHE A 444 -18.76 9.29 -15.21
N LEU A 445 -18.48 9.93 -14.06
CA LEU A 445 -17.83 9.22 -12.95
C LEU A 445 -18.79 8.25 -12.27
N GLU A 446 -20.05 8.64 -12.12
CA GLU A 446 -21.04 7.74 -11.54
C GLU A 446 -21.16 6.47 -12.35
N GLU A 447 -21.09 6.59 -13.68
CA GLU A 447 -21.15 5.40 -14.53
C GLU A 447 -19.89 4.57 -14.41
N VAL A 448 -18.73 5.22 -14.38
CA VAL A 448 -17.47 4.50 -14.22
C VAL A 448 -17.42 3.80 -12.87
N HIS A 449 -17.95 4.45 -11.84
CA HIS A 449 -17.89 3.88 -10.50
C HIS A 449 -18.71 2.61 -10.37
N HIS A 450 -19.91 2.60 -10.97
CA HIS A 450 -20.75 1.41 -10.91
C HIS A 450 -20.16 0.26 -11.72
N LYS A 451 -19.59 0.59 -12.89
CA LYS A 451 -18.96 -0.45 -13.70
C LYS A 451 -17.77 -1.07 -12.97
N GLN A 452 -17.03 -0.25 -12.21
CA GLN A 452 -15.94 -0.78 -11.41
C GLN A 452 -16.46 -1.60 -10.24
N GLU A 453 -17.52 -1.14 -9.58
CA GLU A 453 -18.02 -1.83 -8.40
C GLU A 453 -18.75 -3.12 -8.77
N SER A 454 -19.34 -3.17 -9.97
CA SER A 454 -20.02 -4.39 -10.40
C SER A 454 -19.04 -5.51 -10.76
N ILE A 455 -17.76 -5.20 -10.93
CA ILE A 455 -16.75 -6.20 -11.23
C ILE A 455 -15.89 -6.42 -9.99
N MET A 456 -16.28 -7.38 -9.15
CA MET A 456 -15.58 -7.63 -7.89
C MET A 456 -14.40 -8.56 -8.13
N ASP A 457 -13.43 -8.03 -8.87
CA ASP A 457 -12.23 -8.75 -9.29
C ASP A 457 -11.30 -7.78 -9.99
N ALA A 458 -11.77 -6.55 -10.19
CA ALA A 458 -11.04 -5.57 -10.97
C ALA A 458 -9.87 -4.99 -10.20
N GLY A 459 -8.80 -4.69 -10.92
CA GLY A 459 -7.68 -3.98 -10.37
C GLY A 459 -7.90 -2.48 -10.42
N PRO A 460 -6.82 -1.73 -10.59
CA PRO A 460 -6.95 -0.27 -10.63
C PRO A 460 -7.72 0.21 -11.84
N VAL A 461 -8.28 1.41 -11.72
CA VAL A 461 -8.98 2.08 -12.81
C VAL A 461 -7.97 2.91 -13.58
N VAL A 462 -7.78 2.58 -14.86
CA VAL A 462 -6.81 3.28 -15.68
C VAL A 462 -7.41 4.61 -16.13
N VAL A 463 -6.75 5.70 -15.77
CA VAL A 463 -7.15 7.05 -16.16
C VAL A 463 -5.96 7.71 -16.86
N HIS A 464 -6.21 8.27 -18.04
CA HIS A 464 -5.12 8.86 -18.81
C HIS A 464 -5.67 9.99 -19.67
N CYS A 465 -4.76 10.88 -20.06
CA CYS A 465 -5.09 11.94 -21.01
C CYS A 465 -3.94 12.08 -22.02
N SER A 466 -3.16 13.15 -21.91
CA SER A 466 -2.01 13.35 -22.77
C SER A 466 -0.71 13.16 -21.97
N ALA A 467 -0.43 14.02 -21.01
CA ALA A 467 0.69 13.81 -20.10
C ALA A 467 0.32 12.96 -18.91
N GLY A 468 -0.96 12.84 -18.59
CA GLY A 468 -1.40 12.03 -17.49
C GLY A 468 -1.31 12.70 -16.14
N ILE A 469 -1.31 14.03 -16.09
CA ILE A 469 -1.19 14.74 -14.82
C ILE A 469 -2.29 15.80 -14.70
N GLY A 470 -2.74 16.35 -15.83
CA GLY A 470 -3.70 17.42 -15.81
C GLY A 470 -5.14 16.99 -15.61
N ARG A 471 -5.82 16.62 -16.70
CA ARG A 471 -7.17 16.10 -16.57
C ARG A 471 -7.18 14.79 -15.79
N THR A 472 -6.13 13.98 -15.94
CA THR A 472 -6.03 12.74 -15.18
C THR A 472 -6.01 13.02 -13.68
N GLY A 473 -5.36 14.10 -13.26
CA GLY A 473 -5.36 14.44 -11.85
C GLY A 473 -6.71 14.95 -11.38
N THR A 474 -7.36 15.80 -12.19
CA THR A 474 -8.65 16.34 -11.81
C THR A 474 -9.71 15.25 -11.70
N PHE A 475 -9.69 14.28 -12.62
CA PHE A 475 -10.69 13.21 -12.59
C PHE A 475 -10.49 12.30 -11.39
N ILE A 476 -9.24 11.97 -11.06
CA ILE A 476 -8.98 11.04 -9.96
C ILE A 476 -9.30 11.69 -8.62
N VAL A 477 -8.96 12.97 -8.46
CA VAL A 477 -9.22 13.65 -7.19
C VAL A 477 -10.72 13.77 -6.93
N ILE A 478 -11.50 14.13 -7.96
CA ILE A 478 -12.95 14.21 -7.79
C ILE A 478 -13.51 12.85 -7.42
N ASP A 479 -13.00 11.79 -8.06
CA ASP A 479 -13.50 10.45 -7.76
C ASP A 479 -13.14 10.02 -6.34
N ILE A 480 -11.94 10.39 -5.87
CA ILE A 480 -11.55 10.07 -4.50
C ILE A 480 -12.46 10.79 -3.51
N LEU A 481 -12.75 12.07 -3.76
CA LEU A 481 -13.54 12.85 -2.81
C LEU A 481 -15.00 12.42 -2.83
N ILE A 482 -15.53 12.06 -3.99
CA ILE A 482 -16.92 11.63 -4.06
C ILE A 482 -17.10 10.29 -3.34
N ASP A 483 -16.13 9.39 -3.48
CA ASP A 483 -16.25 8.08 -2.81
C ASP A 483 -16.27 8.22 -1.30
N ILE A 484 -15.60 9.25 -0.76
CA ILE A 484 -15.71 9.51 0.68
C ILE A 484 -17.12 9.91 1.04
N ILE A 485 -17.69 10.86 0.29
CA ILE A 485 -19.07 11.28 0.50
C ILE A 485 -20.02 10.14 0.21
N ARG A 486 -19.63 9.23 -0.69
CA ARG A 486 -20.52 8.13 -1.06
C ARG A 486 -20.69 7.14 0.08
N GLU A 487 -19.59 6.77 0.73
CA GLU A 487 -19.66 5.77 1.79
C GLU A 487 -20.07 6.42 3.11
N LYS A 488 -19.27 7.36 3.59
CA LYS A 488 -19.55 8.03 4.87
C LYS A 488 -20.71 9.00 4.80
N GLY A 489 -21.41 9.08 3.67
CA GLY A 489 -22.52 10.01 3.53
C GLY A 489 -22.07 11.46 3.66
N VAL A 490 -23.06 12.32 3.84
CA VAL A 490 -22.79 13.73 4.16
C VAL A 490 -22.35 13.80 5.61
N ASP A 491 -22.15 15.02 6.11
CA ASP A 491 -21.63 15.27 7.46
C ASP A 491 -20.22 14.69 7.66
N CYS A 492 -19.57 14.25 6.60
CA CYS A 492 -18.20 13.74 6.69
C CYS A 492 -17.20 14.87 6.46
N ASP A 493 -15.93 14.57 6.74
CA ASP A 493 -14.87 15.54 6.56
C ASP A 493 -14.24 15.41 5.18
N ILE A 494 -14.00 16.55 4.54
CA ILE A 494 -13.39 16.62 3.22
C ILE A 494 -12.28 17.66 3.27
N ASP A 495 -11.12 17.31 2.74
CA ASP A 495 -9.95 18.19 2.71
C ASP A 495 -9.33 18.11 1.32
N VAL A 496 -9.71 19.04 0.45
CA VAL A 496 -9.33 19.02 -0.96
C VAL A 496 -7.82 19.17 -1.15
N PRO A 497 -7.17 20.21 -0.62
CA PRO A 497 -5.72 20.35 -0.88
C PRO A 497 -4.90 19.25 -0.23
N LYS A 498 -5.35 18.71 0.91
CA LYS A 498 -4.66 17.57 1.50
C LYS A 498 -4.72 16.35 0.59
N THR A 499 -5.88 16.14 -0.06
CA THR A 499 -6.02 14.99 -0.95
C THR A 499 -5.19 15.18 -2.23
N ILE A 500 -5.15 16.39 -2.75
CA ILE A 500 -4.33 16.66 -3.93
C ILE A 500 -2.85 16.43 -3.62
N GLN A 501 -2.40 16.90 -2.45
CA GLN A 501 -0.99 16.73 -2.10
C GLN A 501 -0.62 15.26 -1.92
N MET A 502 -1.55 14.44 -1.43
CA MET A 502 -1.30 13.01 -1.34
C MET A 502 -1.19 12.39 -2.74
N VAL A 503 -2.09 12.74 -3.65
CA VAL A 503 -2.02 12.22 -5.01
C VAL A 503 -0.76 12.71 -5.71
N ARG A 504 -0.38 13.96 -5.46
CA ARG A 504 0.85 14.51 -6.05
C ARG A 504 2.11 13.82 -5.52
N SER A 505 2.04 13.17 -4.36
CA SER A 505 3.18 12.39 -3.87
C SER A 505 3.38 11.10 -4.65
N GLN A 506 2.42 10.72 -5.49
CA GLN A 506 2.49 9.47 -6.24
C GLN A 506 2.69 9.66 -7.73
N ARG A 507 2.38 10.84 -8.27
CA ARG A 507 2.72 11.19 -9.64
C ARG A 507 2.89 12.69 -9.73
N SER A 508 3.95 13.12 -10.43
CA SER A 508 4.35 14.52 -10.46
C SER A 508 3.25 15.40 -11.06
N GLY A 509 2.82 16.40 -10.29
CA GLY A 509 2.01 17.48 -10.83
C GLY A 509 0.57 17.12 -11.13
N MET A 510 -0.06 16.30 -10.29
CA MET A 510 -1.49 16.04 -10.44
C MET A 510 -2.28 17.30 -10.12
N VAL A 511 -3.28 17.59 -10.96
CA VAL A 511 -4.04 18.85 -10.95
C VAL A 511 -3.09 19.98 -11.31
N GLN A 512 -3.22 20.52 -12.53
CA GLN A 512 -2.21 21.42 -13.07
C GLN A 512 -2.50 22.88 -12.76
N THR A 513 -3.74 23.32 -12.93
CA THR A 513 -4.07 24.74 -12.89
C THR A 513 -5.08 25.03 -11.80
N GLU A 514 -5.17 26.32 -11.46
CA GLU A 514 -6.18 26.76 -10.49
C GLU A 514 -7.59 26.55 -11.04
N ALA A 515 -7.76 26.65 -12.37
CA ALA A 515 -9.07 26.38 -12.96
C ALA A 515 -9.53 24.96 -12.66
N GLN A 516 -8.64 23.98 -12.80
CA GLN A 516 -8.97 22.62 -12.41
C GLN A 516 -9.22 22.54 -10.91
N TYR A 517 -8.45 23.28 -10.12
CA TYR A 517 -8.70 23.33 -8.68
C TYR A 517 -10.08 23.91 -8.37
N ARG A 518 -10.44 24.99 -9.06
CA ARG A 518 -11.80 25.53 -8.96
C ARG A 518 -12.83 24.45 -9.32
N PHE A 519 -12.56 23.68 -10.38
CA PHE A 519 -13.53 22.70 -10.87
C PHE A 519 -13.78 21.60 -9.85
N ILE A 520 -12.73 21.16 -9.15
CA ILE A 520 -12.89 20.08 -8.17
C ILE A 520 -13.84 20.51 -7.06
N TYR A 521 -13.68 21.74 -6.56
CA TYR A 521 -14.63 22.27 -5.57
C TYR A 521 -16.03 22.36 -6.15
N MET A 522 -16.15 22.85 -7.39
CA MET A 522 -17.46 22.97 -8.02
C MET A 522 -18.09 21.61 -8.27
N ALA A 523 -17.29 20.60 -8.62
CA ALA A 523 -17.85 19.28 -8.86
C ALA A 523 -18.36 18.64 -7.57
N VAL A 524 -17.66 18.85 -6.46
CA VAL A 524 -18.10 18.27 -5.19
C VAL A 524 -19.30 19.03 -4.64
N GLN A 525 -19.32 20.36 -4.82
CA GLN A 525 -20.47 21.15 -4.43
C GLN A 525 -21.71 20.71 -5.20
N HIS A 526 -21.58 20.55 -6.52
CA HIS A 526 -22.70 20.12 -7.34
C HIS A 526 -23.15 18.70 -6.97
N TYR A 527 -22.22 17.87 -6.50
CA TYR A 527 -22.56 16.49 -6.15
C TYR A 527 -23.28 16.39 -4.82
N ILE A 528 -23.01 17.30 -3.88
CA ILE A 528 -23.68 17.23 -2.59
C ILE A 528 -25.06 17.86 -2.66
N GLU A 529 -25.26 18.85 -3.53
CA GLU A 529 -26.57 19.48 -3.67
C GLU A 529 -27.55 18.61 -4.45
N THR A 530 -27.08 17.62 -5.19
CA THR A 530 -27.94 16.69 -5.90
C THR A 530 -28.38 15.51 -5.05
N LEU A 531 -28.32 15.65 -3.73
CA LEU A 531 -28.78 14.60 -2.82
C LEU A 531 -29.99 15.05 -2.03
N SER B 9 16.15 -11.87 14.77
CA SER B 9 15.39 -12.67 13.82
C SER B 9 14.06 -12.00 13.47
N ARG B 10 13.99 -11.48 12.24
CA ARG B 10 12.86 -10.72 11.73
C ARG B 10 12.65 -9.39 12.45
N ARG B 11 13.70 -8.86 13.08
CA ARG B 11 13.70 -7.48 13.51
C ARG B 11 13.91 -6.51 12.36
N TRP B 12 14.28 -7.02 11.18
CA TRP B 12 14.49 -6.21 9.99
C TRP B 12 13.20 -5.76 9.32
N PHE B 13 12.05 -6.26 9.75
CA PHE B 13 10.77 -5.87 9.17
C PHE B 13 10.17 -4.75 10.01
N HIS B 14 9.88 -3.61 9.37
CA HIS B 14 9.31 -2.45 10.04
C HIS B 14 7.86 -2.27 9.60
N PRO B 15 6.87 -2.50 10.47
CA PRO B 15 5.48 -2.56 10.01
C PRO B 15 4.86 -1.19 9.71
N ASN B 16 5.20 -0.16 10.46
CA ASN B 16 4.52 1.12 10.34
C ASN B 16 5.45 2.26 9.97
N ILE B 17 6.32 2.06 8.98
CA ILE B 17 7.21 3.11 8.53
C ILE B 17 6.98 3.36 7.04
N THR B 18 7.38 4.54 6.59
CA THR B 18 7.20 4.97 5.22
C THR B 18 8.47 4.74 4.42
N GLY B 19 8.41 5.06 3.13
CA GLY B 19 9.57 4.90 2.27
C GLY B 19 10.65 5.92 2.51
N VAL B 20 10.27 7.14 2.90
CA VAL B 20 11.28 8.16 3.21
C VAL B 20 11.92 7.88 4.57
N GLU B 21 11.16 7.29 5.50
CA GLU B 21 11.72 6.93 6.79
C GLU B 21 12.71 5.78 6.66
N ALA B 22 12.38 4.77 5.84
CA ALA B 22 13.30 3.66 5.62
C ALA B 22 14.60 4.12 4.98
N GLU B 23 14.54 5.17 4.14
CA GLU B 23 15.74 5.65 3.48
C GLU B 23 16.61 6.48 4.42
N ASN B 24 16.00 7.42 5.16
CA ASN B 24 16.75 8.18 6.14
C ASN B 24 17.29 7.27 7.25
N LEU B 25 16.53 6.23 7.61
CA LEU B 25 17.00 5.29 8.62
C LEU B 25 18.23 4.54 8.12
N LEU B 26 18.21 4.08 6.88
CA LEU B 26 19.35 3.36 6.32
C LEU B 26 20.55 4.26 6.05
N LEU B 27 20.35 5.57 5.96
CA LEU B 27 21.44 6.49 5.66
C LEU B 27 22.05 7.14 6.91
N THR B 28 21.28 7.27 7.99
CA THR B 28 21.80 7.91 9.19
C THR B 28 22.45 6.91 10.15
N ARG B 29 21.86 5.73 10.32
CA ARG B 29 22.42 4.73 11.23
C ARG B 29 22.57 3.37 10.56
N GLY B 30 22.68 3.33 9.24
CA GLY B 30 22.95 2.09 8.53
C GLY B 30 24.12 2.26 7.59
N VAL B 31 24.95 1.23 7.53
CA VAL B 31 26.12 1.24 6.67
C VAL B 31 25.84 0.37 5.44
N ASP B 32 26.73 0.44 4.46
CA ASP B 32 26.55 -0.37 3.24
C ASP B 32 26.43 -1.84 3.60
N GLY B 33 25.36 -2.46 3.15
CA GLY B 33 24.98 -3.80 3.57
C GLY B 33 23.80 -3.84 4.51
N SER B 34 23.41 -2.69 5.06
CA SER B 34 22.24 -2.65 5.93
C SER B 34 20.97 -2.72 5.08
N PHE B 35 20.02 -3.54 5.54
CA PHE B 35 18.77 -3.73 4.80
C PHE B 35 17.62 -3.81 5.78
N LEU B 36 16.44 -3.41 5.30
CA LEU B 36 15.21 -3.60 6.05
C LEU B 36 14.08 -3.87 5.07
N ALA B 37 13.00 -4.43 5.59
CA ALA B 37 11.79 -4.70 4.81
C ALA B 37 10.62 -4.00 5.47
N ARG B 38 9.62 -3.66 4.66
CA ARG B 38 8.47 -2.89 5.13
C ARG B 38 7.30 -3.15 4.21
N PRO B 39 6.08 -3.00 4.70
CA PRO B 39 4.91 -3.04 3.83
C PRO B 39 4.55 -1.64 3.35
N SER B 40 3.63 -1.58 2.39
CA SER B 40 3.02 -0.33 2.00
C SER B 40 1.79 -0.09 2.87
N LYS B 41 1.68 1.10 3.44
CA LYS B 41 0.61 1.38 4.39
C LYS B 41 -0.76 1.40 3.74
N SER B 42 -0.83 1.48 2.41
CA SER B 42 -2.10 1.52 1.70
C SER B 42 -2.29 0.35 0.75
N ASN B 43 -1.30 0.07 -0.10
CA ASN B 43 -1.43 -1.03 -1.04
C ASN B 43 -1.25 -2.36 -0.32
N PRO B 44 -2.26 -3.22 -0.23
CA PRO B 44 -2.08 -4.50 0.46
C PRO B 44 -1.20 -5.45 -0.35
N GLY B 45 -0.44 -6.27 0.35
CA GLY B 45 0.36 -7.28 -0.30
C GLY B 45 1.53 -6.71 -1.07
N ASP B 46 1.85 -5.46 -0.82
CA ASP B 46 2.95 -4.77 -1.46
C ASP B 46 4.03 -4.48 -0.43
N PHE B 47 5.20 -5.08 -0.61
CA PHE B 47 6.33 -4.96 0.29
C PHE B 47 7.52 -4.42 -0.48
N THR B 48 8.54 -4.01 0.27
CA THR B 48 9.76 -3.44 -0.30
C THR B 48 10.96 -3.88 0.55
N LEU B 49 12.03 -4.27 -0.14
CA LEU B 49 13.29 -4.67 0.50
C LEU B 49 14.31 -3.57 0.24
N SER B 50 14.45 -2.66 1.20
CA SER B 50 15.33 -1.50 1.06
C SER B 50 16.73 -1.85 1.53
N VAL B 51 17.70 -1.80 0.62
CA VAL B 51 19.09 -2.14 0.92
C VAL B 51 19.95 -0.90 0.66
N ARG B 52 20.90 -0.66 1.56
CA ARG B 52 21.88 0.40 1.35
C ARG B 52 23.08 -0.15 0.58
N ARG B 53 23.44 0.54 -0.49
CA ARG B 53 24.46 0.05 -1.41
C ARG B 53 25.16 1.23 -2.07
N ASN B 54 26.49 1.27 -1.95
CA ASN B 54 27.32 2.32 -2.56
C ASN B 54 26.87 3.70 -2.10
N GLY B 55 26.65 3.84 -0.80
CA GLY B 55 26.25 5.10 -0.21
C GLY B 55 24.81 5.52 -0.43
N ALA B 56 24.08 4.81 -1.28
CA ALA B 56 22.68 5.11 -1.56
C ALA B 56 21.81 3.96 -1.09
N VAL B 57 20.49 4.11 -1.28
CA VAL B 57 19.51 3.10 -0.90
C VAL B 57 18.83 2.59 -2.16
N THR B 58 18.75 1.27 -2.29
CA THR B 58 18.08 0.63 -3.42
C THR B 58 16.85 -0.13 -2.91
N HIS B 59 15.70 0.19 -3.48
CA HIS B 59 14.44 -0.42 -3.08
C HIS B 59 14.06 -1.52 -4.06
N ILE B 60 13.76 -2.69 -3.53
CA ILE B 60 13.36 -3.85 -4.33
C ILE B 60 11.92 -4.20 -3.96
N LYS B 61 11.03 -4.20 -4.95
CA LYS B 61 9.60 -4.36 -4.71
C LYS B 61 9.21 -5.83 -4.67
N ILE B 62 8.31 -6.17 -3.75
CA ILE B 62 7.81 -7.52 -3.56
C ILE B 62 6.29 -7.47 -3.50
N GLN B 63 5.65 -8.32 -4.29
CA GLN B 63 4.19 -8.34 -4.40
C GLN B 63 3.65 -9.68 -3.96
N ASN B 64 2.51 -9.67 -3.28
CA ASN B 64 1.82 -10.90 -2.88
C ASN B 64 0.34 -10.75 -3.23
N THR B 65 -0.11 -11.49 -4.23
CA THR B 65 -1.51 -11.49 -4.63
C THR B 65 -2.29 -12.65 -4.02
N GLY B 66 -1.64 -13.49 -3.22
CA GLY B 66 -2.31 -14.59 -2.55
C GLY B 66 -1.64 -15.94 -2.71
N ASP B 67 -0.68 -16.04 -3.61
CA ASP B 67 -0.06 -17.33 -3.92
C ASP B 67 1.38 -17.43 -3.47
N TYR B 68 2.15 -16.34 -3.54
CA TYR B 68 3.57 -16.36 -3.21
C TYR B 68 4.08 -14.93 -3.11
N TYR B 69 5.20 -14.76 -2.41
CA TYR B 69 5.90 -13.48 -2.37
C TYR B 69 6.73 -13.34 -3.64
N ASP B 70 6.32 -12.44 -4.53
CA ASP B 70 6.94 -12.29 -5.84
C ASP B 70 7.92 -11.12 -5.78
N LEU B 71 9.22 -11.42 -5.84
CA LEU B 71 10.25 -10.39 -5.82
C LEU B 71 10.57 -9.98 -7.26
N TYR B 72 10.36 -8.71 -7.58
CA TYR B 72 10.59 -8.22 -8.93
C TYR B 72 12.09 -8.27 -9.24
N GLY B 73 12.47 -9.06 -10.24
CA GLY B 73 13.84 -9.28 -10.61
C GLY B 73 14.43 -10.55 -10.05
N GLY B 74 13.94 -11.02 -8.91
CA GLY B 74 14.42 -12.25 -8.32
C GLY B 74 13.44 -13.39 -8.45
N GLU B 75 13.33 -14.21 -7.42
CA GLU B 75 12.47 -15.39 -7.43
C GLU B 75 11.28 -15.19 -6.49
N LYS B 76 10.43 -16.22 -6.43
CA LYS B 76 9.25 -16.22 -5.60
C LYS B 76 9.48 -17.05 -4.34
N PHE B 77 8.93 -16.59 -3.22
CA PHE B 77 9.22 -17.20 -1.92
C PHE B 77 7.93 -17.38 -1.11
N ALA B 78 8.01 -18.27 -0.12
CA ALA B 78 6.84 -18.59 0.70
C ALA B 78 6.64 -17.55 1.80
N THR B 79 7.71 -17.12 2.45
CA THR B 79 7.64 -16.10 3.49
C THR B 79 8.72 -15.06 3.25
N LEU B 80 8.60 -13.93 3.93
CA LEU B 80 9.68 -12.94 3.91
C LEU B 80 10.93 -13.45 4.62
N ALA B 81 10.76 -14.21 5.70
CA ALA B 81 11.91 -14.78 6.40
C ALA B 81 12.71 -15.70 5.48
N GLU B 82 12.03 -16.57 4.75
CA GLU B 82 12.74 -17.48 3.85
C GLU B 82 13.35 -16.71 2.68
N LEU B 83 12.76 -15.56 2.31
CA LEU B 83 13.35 -14.72 1.29
C LEU B 83 14.68 -14.12 1.76
N VAL B 84 14.67 -13.48 2.93
CA VAL B 84 15.89 -12.85 3.45
C VAL B 84 16.97 -13.90 3.71
N GLN B 85 16.57 -15.05 4.24
CA GLN B 85 17.54 -16.11 4.51
C GLN B 85 18.14 -16.65 3.21
N TYR B 86 17.33 -16.78 2.17
CA TYR B 86 17.81 -17.33 0.91
C TYR B 86 18.91 -16.48 0.29
N TYR B 87 18.87 -15.17 0.51
CA TYR B 87 19.85 -14.29 -0.10
C TYR B 87 21.06 -14.01 0.79
N MET B 88 20.94 -14.19 2.10
CA MET B 88 22.09 -14.10 2.99
C MET B 88 22.95 -15.36 2.96
N GLU B 89 22.49 -16.42 2.28
CA GLU B 89 23.28 -17.61 2.03
C GLU B 89 23.73 -17.73 0.58
N HIS B 90 22.99 -17.14 -0.35
CA HIS B 90 23.33 -17.22 -1.76
C HIS B 90 23.68 -15.84 -2.29
N HIS B 91 24.73 -15.25 -1.74
CA HIS B 91 25.20 -13.95 -2.21
C HIS B 91 25.58 -14.03 -3.68
N GLY B 92 25.16 -13.03 -4.45
CA GLY B 92 25.40 -13.01 -5.87
C GLY B 92 24.20 -13.32 -6.73
N GLN B 93 22.99 -13.12 -6.22
CA GLN B 93 21.77 -13.42 -6.95
C GLN B 93 20.78 -12.27 -6.88
N LEU B 94 20.86 -11.48 -5.81
CA LEU B 94 20.13 -10.21 -5.76
C LEU B 94 20.88 -9.22 -6.64
N LYS B 95 20.39 -9.01 -7.86
CA LYS B 95 21.10 -8.23 -8.85
C LYS B 95 20.24 -7.07 -9.33
N GLU B 96 20.86 -5.89 -9.44
CA GLU B 96 20.23 -4.74 -10.07
C GLU B 96 20.14 -4.97 -11.58
N LYS B 97 19.49 -4.05 -12.28
CA LYS B 97 19.56 -4.06 -13.73
C LYS B 97 20.91 -3.56 -14.25
N ASN B 98 21.72 -2.95 -13.39
CA ASN B 98 23.09 -2.60 -13.72
C ASN B 98 24.01 -3.82 -13.75
N GLY B 99 23.49 -5.01 -13.44
CA GLY B 99 24.31 -6.19 -13.29
C GLY B 99 24.99 -6.30 -11.94
N ASP B 100 25.03 -5.21 -11.17
CA ASP B 100 25.67 -5.20 -9.86
C ASP B 100 24.88 -6.06 -8.87
N VAL B 101 25.61 -6.62 -7.90
CA VAL B 101 25.03 -7.52 -6.92
C VAL B 101 24.59 -6.73 -5.69
N ILE B 102 23.35 -6.95 -5.27
CA ILE B 102 22.84 -6.41 -4.02
C ILE B 102 23.21 -7.38 -2.91
N GLU B 103 23.72 -6.85 -1.80
CA GLU B 103 24.20 -7.66 -0.69
C GLU B 103 23.39 -7.36 0.56
N LEU B 104 22.90 -8.41 1.22
CA LEU B 104 22.23 -8.30 2.51
C LEU B 104 23.22 -8.74 3.58
N LYS B 105 23.70 -7.79 4.38
CA LYS B 105 24.74 -8.08 5.36
C LYS B 105 24.34 -7.78 6.80
N TYR B 106 23.67 -6.66 7.05
CA TYR B 106 23.32 -6.26 8.42
C TYR B 106 21.84 -5.93 8.50
N PRO B 107 21.03 -6.73 9.20
CA PRO B 107 19.61 -6.38 9.38
C PRO B 107 19.47 -5.17 10.29
N LEU B 108 18.81 -4.13 9.79
CA LEU B 108 18.59 -2.91 10.58
C LEU B 108 17.36 -3.13 11.44
N ASN B 109 17.57 -3.40 12.74
CA ASN B 109 16.49 -3.82 13.61
C ASN B 109 15.52 -2.67 13.89
N CYS B 110 14.23 -3.01 13.94
CA CYS B 110 13.17 -2.08 14.28
C CYS B 110 12.91 -2.12 15.78
N ALA B 111 12.49 -0.98 16.33
CA ALA B 111 12.16 -0.87 17.73
C ALA B 111 10.66 -0.88 18.01
N ASP B 112 9.84 -0.96 16.96
CA ASP B 112 8.39 -0.95 17.14
C ASP B 112 7.94 -2.23 17.82
N PRO B 113 7.21 -2.16 18.93
CA PRO B 113 6.75 -3.39 19.59
C PRO B 113 5.33 -3.79 19.20
N THR B 114 4.82 -3.26 18.08
CA THR B 114 3.42 -3.47 17.73
C THR B 114 3.12 -4.95 17.45
N SER B 115 3.95 -5.59 16.63
CA SER B 115 3.73 -6.97 16.23
C SER B 115 4.19 -7.98 17.27
N GLU B 116 4.51 -7.55 18.48
CA GLU B 116 4.86 -8.47 19.55
C GLU B 116 3.60 -9.10 20.13
N ARG B 117 3.71 -10.35 20.55
CA ARG B 117 2.55 -11.07 21.08
C ARG B 117 2.13 -10.55 22.45
N TRP B 118 3.08 -10.02 23.23
CA TRP B 118 2.80 -9.58 24.58
C TRP B 118 2.46 -8.10 24.70
N PHE B 119 2.57 -7.33 23.61
CA PHE B 119 2.30 -5.91 23.65
C PHE B 119 0.82 -5.65 23.43
N HIS B 120 0.25 -4.74 24.23
CA HIS B 120 -1.16 -4.44 24.11
C HIS B 120 -1.48 -2.95 24.07
N GLY B 121 -0.48 -2.07 24.05
CA GLY B 121 -0.71 -0.66 23.86
C GLY B 121 -1.64 0.00 24.84
N HIS B 122 -2.80 0.46 24.36
CA HIS B 122 -3.71 1.28 25.14
C HIS B 122 -4.53 0.47 26.15
N LEU B 123 -4.06 -0.71 26.56
CA LEU B 123 -4.76 -1.49 27.56
C LEU B 123 -4.61 -0.83 28.93
N SER B 124 -5.71 -0.81 29.69
CA SER B 124 -5.71 -0.14 30.99
C SER B 124 -5.31 -1.11 32.10
N GLY B 125 -5.18 -0.57 33.31
CA GLY B 125 -4.78 -1.39 34.44
C GLY B 125 -5.88 -2.31 34.93
N LYS B 126 -7.14 -1.91 34.75
CA LYS B 126 -8.25 -2.74 35.20
C LYS B 126 -8.43 -3.96 34.32
N GLU B 127 -8.40 -3.76 32.99
CA GLU B 127 -8.61 -4.88 32.07
C GLU B 127 -7.43 -5.83 32.06
N ALA B 128 -6.20 -5.29 32.06
CA ALA B 128 -5.01 -6.14 32.03
C ALA B 128 -4.93 -7.04 33.24
N GLU B 129 -5.36 -6.54 34.41
CA GLU B 129 -5.38 -7.38 35.60
C GLU B 129 -6.53 -8.38 35.55
N LYS B 130 -7.66 -8.00 34.95
CA LYS B 130 -8.79 -8.92 34.85
C LYS B 130 -8.50 -10.05 33.87
N LEU B 131 -7.82 -9.75 32.75
CA LEU B 131 -7.49 -10.79 31.79
C LEU B 131 -6.48 -11.79 32.37
N LEU B 132 -5.44 -11.28 33.05
CA LEU B 132 -4.50 -12.17 33.73
C LEU B 132 -5.17 -12.93 34.86
N THR B 133 -6.27 -12.42 35.41
CA THR B 133 -7.02 -13.15 36.42
C THR B 133 -7.84 -14.27 35.78
N GLU B 134 -8.57 -13.94 34.71
CA GLU B 134 -9.42 -14.93 34.05
C GLU B 134 -8.57 -15.95 33.27
N LYS B 135 -7.83 -15.47 32.27
CA LYS B 135 -7.17 -16.34 31.30
C LYS B 135 -5.71 -16.60 31.62
N GLY B 136 -5.15 -15.97 32.65
CA GLY B 136 -3.73 -16.06 32.92
C GLY B 136 -3.36 -17.37 33.62
N LYS B 137 -2.20 -17.90 33.23
CA LYS B 137 -1.57 -19.04 33.89
C LYS B 137 -0.28 -18.57 34.55
N HIS B 138 0.52 -19.52 35.01
CA HIS B 138 1.82 -19.18 35.58
C HIS B 138 2.77 -18.73 34.48
N GLY B 139 3.38 -17.56 34.67
CA GLY B 139 4.28 -16.99 33.69
C GLY B 139 3.63 -16.18 32.60
N SER B 140 2.31 -16.02 32.62
CA SER B 140 1.63 -15.20 31.63
C SER B 140 1.88 -13.72 31.90
N PHE B 141 2.27 -12.98 30.86
CA PHE B 141 2.67 -11.60 31.03
C PHE B 141 2.18 -10.77 29.85
N LEU B 142 2.08 -9.46 30.09
CA LEU B 142 1.73 -8.51 29.04
C LEU B 142 2.37 -7.16 29.38
N VAL B 143 2.62 -6.37 28.34
CA VAL B 143 3.15 -5.02 28.49
C VAL B 143 2.16 -4.05 27.87
N ARG B 144 1.76 -3.05 28.65
CA ARG B 144 0.78 -2.05 28.23
C ARG B 144 1.36 -0.67 28.43
N GLU B 145 0.71 0.33 27.82
CA GLU B 145 1.11 1.72 27.98
C GLU B 145 0.46 2.31 29.23
N SER B 146 1.21 3.17 29.91
CA SER B 146 0.78 3.69 31.20
C SER B 146 -0.27 4.80 31.02
N GLN B 147 -1.31 4.73 31.85
CA GLN B 147 -2.38 5.73 31.79
C GLN B 147 -1.97 7.03 32.46
N SER B 148 -1.23 6.95 33.57
CA SER B 148 -0.87 8.12 34.35
C SER B 148 0.45 8.75 33.90
N HIS B 149 1.43 7.91 33.53
CA HIS B 149 2.75 8.36 33.07
C HIS B 149 2.84 8.18 31.56
N PRO B 150 2.46 9.18 30.77
CA PRO B 150 2.47 9.02 29.31
C PRO B 150 3.90 8.80 28.82
N GLY B 151 4.08 7.78 27.98
CA GLY B 151 5.37 7.38 27.50
C GLY B 151 5.98 6.20 28.21
N ASP B 152 5.55 5.92 29.44
CA ASP B 152 6.02 4.77 30.21
C ASP B 152 5.19 3.54 29.88
N PHE B 153 5.65 2.39 30.37
CA PHE B 153 4.97 1.13 30.14
C PHE B 153 4.93 0.34 31.44
N VAL B 154 3.96 -0.55 31.53
CA VAL B 154 3.75 -1.37 32.72
C VAL B 154 3.80 -2.84 32.30
N LEU B 155 4.76 -3.57 32.84
CA LEU B 155 4.84 -5.01 32.66
C LEU B 155 4.09 -5.70 33.79
N SER B 156 3.13 -6.55 33.43
CA SER B 156 2.31 -7.28 34.39
C SER B 156 2.56 -8.77 34.23
N VAL B 157 2.87 -9.44 35.33
CA VAL B 157 3.21 -10.86 35.33
C VAL B 157 2.29 -11.59 36.30
N ARG B 158 1.90 -12.81 35.96
CA ARG B 158 1.16 -13.68 36.86
C ARG B 158 2.03 -14.89 37.21
N THR B 159 2.17 -15.17 38.50
CA THR B 159 2.94 -16.30 38.98
C THR B 159 2.15 -17.04 40.04
N GLY B 160 2.32 -18.36 40.07
CA GLY B 160 1.57 -19.20 40.99
C GLY B 160 1.36 -20.61 40.48
N ASP B 161 0.09 -20.99 40.30
CA ASP B 161 -0.24 -22.32 39.78
C ASP B 161 -1.69 -22.37 39.29
N SER B 166 -6.41 -18.51 41.72
CA SER B 166 -7.78 -18.05 41.60
C SER B 166 -8.51 -18.05 42.94
N ASN B 167 -8.14 -18.99 43.80
CA ASN B 167 -8.84 -19.19 45.07
C ASN B 167 -7.90 -19.21 46.26
N ASP B 168 -6.89 -20.09 46.23
CA ASP B 168 -6.06 -20.30 47.42
C ASP B 168 -5.24 -19.06 47.77
N GLY B 169 -4.74 -18.34 46.77
CA GLY B 169 -3.89 -17.19 47.01
C GLY B 169 -2.44 -17.40 46.66
N LYS B 170 -2.04 -18.61 46.28
CA LYS B 170 -0.67 -18.84 45.85
C LYS B 170 -0.38 -18.26 44.48
N SER B 171 -1.39 -17.72 43.80
CA SER B 171 -1.22 -17.00 42.54
C SER B 171 -1.39 -15.50 42.79
N LYS B 172 -0.69 -14.70 41.99
CA LYS B 172 -0.71 -13.26 42.15
C LYS B 172 -0.39 -12.61 40.82
N VAL B 173 -0.59 -11.29 40.76
CA VAL B 173 -0.25 -10.49 39.60
C VAL B 173 0.68 -9.37 40.05
N THR B 174 1.91 -9.39 39.56
CA THR B 174 2.90 -8.39 39.90
C THR B 174 3.02 -7.37 38.78
N HIS B 175 3.09 -6.10 39.16
CA HIS B 175 3.26 -5.00 38.20
C HIS B 175 4.67 -4.43 38.33
N VAL B 176 5.33 -4.24 37.20
CA VAL B 176 6.69 -3.69 37.14
C VAL B 176 6.67 -2.49 36.21
N MET B 177 7.04 -1.33 36.75
CA MET B 177 7.10 -0.13 35.92
C MET B 177 8.28 -0.19 34.96
N ILE B 178 8.10 0.41 33.79
CA ILE B 178 9.13 0.49 32.75
C ILE B 178 9.19 1.95 32.31
N ARG B 179 10.32 2.60 32.57
CA ARG B 179 10.51 4.00 32.23
C ARG B 179 11.04 4.13 30.81
N CYS B 180 10.61 5.19 30.11
CA CYS B 180 11.19 5.58 28.84
C CYS B 180 11.97 6.87 29.09
N GLN B 181 13.30 6.77 29.05
CA GLN B 181 14.18 7.90 29.35
C GLN B 181 15.09 8.14 28.16
N GLU B 182 14.71 9.10 27.32
CA GLU B 182 15.46 9.47 26.12
C GLU B 182 15.68 8.24 25.23
N LEU B 183 14.57 7.82 24.63
CA LEU B 183 14.50 6.69 23.70
C LEU B 183 15.21 5.44 24.24
N LYS B 184 15.09 5.23 25.55
CA LYS B 184 15.70 4.08 26.21
C LYS B 184 14.78 3.63 27.35
N TYR B 185 14.74 2.33 27.58
CA TYR B 185 13.81 1.72 28.52
C TYR B 185 14.54 1.01 29.64
N ASP B 186 13.96 1.06 30.84
CA ASP B 186 14.57 0.45 32.02
C ASP B 186 13.48 0.12 33.03
N VAL B 187 13.79 -0.80 33.93
CA VAL B 187 12.84 -1.28 34.91
C VAL B 187 13.09 -0.66 36.30
N GLY B 188 13.81 0.46 36.35
CA GLY B 188 14.10 1.10 37.61
C GLY B 188 15.59 1.19 37.89
N GLY B 189 16.30 0.11 37.59
CA GLY B 189 17.74 0.09 37.71
C GLY B 189 18.38 -0.81 36.67
N GLY B 190 19.65 -1.13 36.86
CA GLY B 190 20.30 -2.06 35.96
C GLY B 190 20.59 -1.41 34.61
N GLU B 191 20.16 -2.08 33.54
CA GLU B 191 20.50 -1.70 32.19
C GLU B 191 19.35 -0.96 31.50
N ARG B 192 19.71 -0.04 30.62
CA ARG B 192 18.75 0.72 29.82
C ARG B 192 18.80 0.21 28.39
N PHE B 193 17.65 -0.23 27.90
CA PHE B 193 17.55 -0.94 26.63
C PHE B 193 17.12 -0.02 25.50
N ASP B 194 17.50 -0.38 24.27
CA ASP B 194 17.17 0.41 23.10
C ASP B 194 15.78 0.17 22.56
N SER B 195 15.09 -0.88 23.02
CA SER B 195 13.73 -1.16 22.60
C SER B 195 13.04 -1.97 23.68
N LEU B 196 11.71 -1.90 23.70
CA LEU B 196 10.94 -2.74 24.62
C LEU B 196 11.19 -4.22 24.38
N THR B 197 11.46 -4.61 23.12
CA THR B 197 11.70 -6.01 22.83
C THR B 197 13.00 -6.49 23.45
N ASP B 198 14.05 -5.67 23.37
CA ASP B 198 15.32 -6.03 24.00
C ASP B 198 15.15 -6.13 25.52
N LEU B 199 14.33 -5.26 26.10
CA LEU B 199 14.06 -5.33 27.53
C LEU B 199 13.34 -6.62 27.91
N VAL B 200 12.31 -6.97 27.14
CA VAL B 200 11.53 -8.16 27.46
C VAL B 200 12.37 -9.42 27.25
N GLU B 201 13.16 -9.45 26.17
CA GLU B 201 13.96 -10.63 25.89
C GLU B 201 15.03 -10.86 26.96
N HIS B 202 15.55 -9.79 27.56
CA HIS B 202 16.55 -9.94 28.61
C HIS B 202 15.97 -10.63 29.83
N TYR B 203 14.89 -10.07 30.38
CA TYR B 203 14.25 -10.66 31.55
C TYR B 203 13.45 -11.91 31.21
N LYS B 204 13.29 -12.23 29.92
CA LYS B 204 12.78 -13.54 29.54
C LYS B 204 13.87 -14.61 29.68
N LYS B 205 15.14 -14.21 29.59
CA LYS B 205 16.27 -15.11 29.82
C LYS B 205 16.89 -14.93 31.19
N ASN B 206 16.90 -13.71 31.73
CA ASN B 206 17.41 -13.41 33.06
C ASN B 206 16.26 -12.84 33.88
N PRO B 207 15.39 -13.68 34.43
CA PRO B 207 14.18 -13.19 35.08
C PRO B 207 14.47 -12.37 36.33
N MET B 208 13.53 -11.48 36.66
CA MET B 208 13.63 -10.68 37.86
C MET B 208 13.28 -11.51 39.09
N VAL B 209 14.03 -11.30 40.16
CA VAL B 209 13.81 -12.00 41.44
C VAL B 209 13.44 -10.95 42.47
N GLU B 210 12.29 -11.14 43.11
CA GLU B 210 11.89 -10.25 44.18
C GLU B 210 12.68 -10.56 45.46
N THR B 211 12.71 -9.59 46.37
CA THR B 211 13.58 -9.71 47.55
C THR B 211 13.19 -10.88 48.42
N LEU B 212 11.89 -11.17 48.52
CA LEU B 212 11.41 -12.24 49.40
C LEU B 212 11.32 -13.59 48.70
N GLY B 213 11.92 -13.74 47.52
CA GLY B 213 12.05 -15.05 46.92
C GLY B 213 11.46 -15.23 45.54
N THR B 214 10.25 -14.70 45.31
CA THR B 214 9.53 -14.97 44.08
C THR B 214 10.30 -14.48 42.86
N VAL B 215 10.23 -15.25 41.78
CA VAL B 215 10.91 -14.96 40.53
C VAL B 215 9.87 -14.57 39.49
N LEU B 216 9.91 -13.32 39.04
CA LEU B 216 8.98 -12.84 38.02
C LEU B 216 9.29 -13.47 36.67
N GLN B 217 8.72 -14.65 36.41
CA GLN B 217 9.05 -15.45 35.25
C GLN B 217 8.14 -15.12 34.08
N LEU B 218 8.75 -14.83 32.93
CA LEU B 218 8.02 -14.52 31.69
C LEU B 218 8.01 -15.77 30.82
N LYS B 219 6.93 -16.54 30.89
CA LYS B 219 6.80 -17.75 30.07
C LYS B 219 6.14 -17.45 28.74
N GLN B 220 4.82 -17.45 28.71
CA GLN B 220 4.09 -17.21 27.48
C GLN B 220 3.33 -15.89 27.57
N PRO B 221 3.14 -15.20 26.45
CA PRO B 221 2.28 -14.01 26.46
C PRO B 221 0.85 -14.39 26.75
N LEU B 222 0.12 -13.46 27.36
CA LEU B 222 -1.28 -13.70 27.66
C LEU B 222 -2.07 -13.87 26.36
N ASN B 223 -2.95 -14.87 26.35
CA ASN B 223 -3.73 -15.19 25.16
C ASN B 223 -4.89 -14.20 25.03
N THR B 224 -4.90 -13.45 23.94
CA THR B 224 -6.00 -12.54 23.63
C THR B 224 -6.65 -12.85 22.29
N THR B 225 -6.34 -14.01 21.70
CA THR B 225 -6.86 -14.38 20.39
C THR B 225 -7.89 -15.48 20.43
N ARG B 226 -7.86 -16.34 21.45
CA ARG B 226 -8.84 -17.41 21.55
C ARG B 226 -10.19 -16.87 21.96
N ILE B 227 -11.22 -17.18 21.18
CA ILE B 227 -12.57 -16.71 21.42
C ILE B 227 -13.53 -17.90 21.38
N ASN B 228 -14.67 -17.72 22.03
CA ASN B 228 -15.75 -18.69 21.90
C ASN B 228 -16.33 -18.59 20.49
N ALA B 229 -16.53 -19.74 19.84
CA ALA B 229 -16.96 -19.75 18.46
C ALA B 229 -18.30 -19.05 18.26
N ALA B 230 -19.12 -18.94 19.32
CA ALA B 230 -20.40 -18.27 19.20
C ALA B 230 -20.22 -16.76 19.07
N GLU B 231 -19.23 -16.20 19.76
CA GLU B 231 -19.01 -14.76 19.78
C GLU B 231 -18.04 -14.29 18.70
N ILE B 232 -18.07 -14.92 17.52
CA ILE B 232 -17.11 -14.54 16.49
C ILE B 232 -17.52 -13.23 15.82
N GLU B 233 -18.82 -13.02 15.63
CA GLU B 233 -19.28 -11.79 15.00
C GLU B 233 -18.98 -10.57 15.86
N SER B 234 -18.89 -10.74 17.18
CA SER B 234 -18.49 -9.62 18.03
C SER B 234 -17.01 -9.35 17.93
N ARG B 235 -16.20 -10.42 17.77
CA ARG B 235 -14.77 -10.24 17.62
C ARG B 235 -14.42 -9.68 16.24
N VAL B 236 -15.26 -9.94 15.23
CA VAL B 236 -14.97 -9.46 13.89
C VAL B 236 -15.09 -7.95 13.80
N ARG B 237 -16.21 -7.39 14.27
CA ARG B 237 -16.36 -5.93 14.24
C ARG B 237 -15.35 -5.23 15.14
N GLU B 238 -14.83 -5.93 16.15
CA GLU B 238 -13.71 -5.39 16.92
C GLU B 238 -12.47 -5.22 16.05
N LEU B 239 -12.20 -6.20 15.18
CA LEU B 239 -11.05 -6.17 14.29
C LEU B 239 -11.32 -5.41 13.00
N SER B 240 -12.53 -4.86 12.82
CA SER B 240 -12.96 -4.32 11.53
C SER B 240 -13.11 -2.81 11.53
N LYS B 241 -12.80 -2.12 12.63
CA LYS B 241 -12.96 -0.67 12.68
C LYS B 241 -11.73 -0.04 13.32
N LEU B 242 -11.54 1.25 13.06
CA LEU B 242 -10.48 2.03 13.67
C LEU B 242 -11.02 2.79 14.89
N LYS B 250 -2.99 -0.16 10.79
CA LYS B 250 -4.23 0.50 10.40
C LYS B 250 -5.43 -0.07 11.15
N GLN B 251 -5.56 -1.38 11.12
CA GLN B 251 -6.73 -2.08 11.63
C GLN B 251 -6.35 -2.98 12.80
N GLY B 252 -7.38 -3.55 13.44
CA GLY B 252 -7.18 -4.62 14.39
C GLY B 252 -6.88 -5.92 13.67
N PHE B 253 -7.55 -6.14 12.54
CA PHE B 253 -7.20 -7.26 11.67
C PHE B 253 -5.75 -7.18 11.23
N TRP B 254 -5.29 -5.97 10.88
CA TRP B 254 -3.90 -5.80 10.48
C TRP B 254 -2.96 -6.01 11.66
N GLU B 255 -3.36 -5.56 12.86
CA GLU B 255 -2.53 -5.76 14.04
C GLU B 255 -2.35 -7.23 14.36
N GLU B 256 -3.44 -8.01 14.32
CA GLU B 256 -3.37 -9.41 14.71
C GLU B 256 -2.63 -10.24 13.67
N PHE B 257 -2.85 -9.96 12.38
CA PHE B 257 -2.19 -10.74 11.34
C PHE B 257 -0.68 -10.46 11.32
N GLU B 258 -0.30 -9.19 11.41
CA GLU B 258 1.12 -8.86 11.35
C GLU B 258 1.87 -9.39 12.56
N THR B 259 1.21 -9.48 13.71
CA THR B 259 1.81 -10.15 14.87
C THR B 259 2.07 -11.62 14.57
N LEU B 260 1.14 -12.29 13.88
CA LEU B 260 1.36 -13.67 13.46
C LEU B 260 2.52 -13.78 12.49
N GLN B 261 2.67 -12.80 11.59
CA GLN B 261 3.74 -12.83 10.62
C GLN B 261 5.12 -12.71 11.28
N GLN B 262 5.20 -12.02 12.41
CA GLN B 262 6.48 -11.86 13.09
C GLN B 262 7.00 -13.20 13.61
N GLN B 263 6.12 -14.13 13.93
CA GLN B 263 6.52 -15.44 14.45
C GLN B 263 6.92 -16.41 13.36
N GLU B 264 7.07 -15.98 12.12
CA GLU B 264 7.43 -16.88 11.03
C GLU B 264 8.91 -17.29 11.09
N CYS B 265 9.76 -16.48 11.70
CA CYS B 265 11.18 -16.81 11.81
C CYS B 265 11.42 -18.02 12.68
N LYS B 266 10.45 -18.44 13.49
CA LYS B 266 10.56 -19.67 14.26
C LYS B 266 10.17 -20.90 13.45
N LEU B 267 9.87 -20.75 12.17
CA LEU B 267 9.41 -21.84 11.32
C LEU B 267 10.38 -22.10 10.17
N LEU B 268 11.66 -21.85 10.39
CA LEU B 268 12.68 -22.02 9.36
C LEU B 268 13.26 -23.44 9.34
N TYR B 269 12.40 -24.44 9.31
CA TYR B 269 12.85 -25.82 9.35
C TYR B 269 13.59 -26.18 8.06
N SER B 270 14.29 -27.31 8.10
CA SER B 270 15.14 -27.71 6.98
C SER B 270 14.31 -28.16 5.79
N ARG B 271 14.81 -27.86 4.59
CA ARG B 271 14.17 -28.21 3.33
C ARG B 271 15.18 -28.83 2.38
N LYS B 272 15.94 -29.80 2.90
CA LYS B 272 17.10 -30.32 2.18
C LYS B 272 16.70 -31.08 0.92
N GLU B 273 15.68 -31.93 1.01
CA GLU B 273 15.34 -32.79 -0.12
C GLU B 273 14.88 -31.99 -1.34
N GLY B 274 14.07 -30.95 -1.11
CA GLY B 274 13.63 -30.13 -2.23
C GLY B 274 14.74 -29.34 -2.86
N GLN B 275 15.79 -29.06 -2.08
CA GLN B 275 16.95 -28.32 -2.55
C GLN B 275 17.96 -29.19 -3.29
N ARG B 276 17.80 -30.52 -3.27
CA ARG B 276 18.72 -31.40 -3.96
C ARG B 276 18.63 -31.22 -5.47
N GLN B 277 19.69 -31.64 -6.17
CA GLN B 277 19.78 -31.43 -7.61
C GLN B 277 18.71 -32.20 -8.36
N GLU B 278 18.63 -33.51 -8.12
CA GLU B 278 17.68 -34.37 -8.81
C GLU B 278 16.23 -34.10 -8.42
N ASN B 279 15.94 -33.02 -7.68
CA ASN B 279 14.57 -32.65 -7.37
C ASN B 279 14.23 -31.22 -7.77
N LYS B 280 15.19 -30.47 -8.33
CA LYS B 280 14.93 -29.07 -8.66
C LYS B 280 13.84 -28.93 -9.72
N ASN B 281 13.88 -29.76 -10.76
CA ASN B 281 12.88 -29.70 -11.82
C ASN B 281 11.53 -30.27 -11.40
N LYS B 282 11.41 -30.81 -10.18
CA LYS B 282 10.15 -31.35 -9.69
C LYS B 282 9.33 -30.35 -8.90
N ASN B 283 9.85 -29.15 -8.66
CA ASN B 283 9.15 -28.10 -7.95
C ASN B 283 8.70 -27.04 -8.95
N ARG B 284 7.44 -26.62 -8.83
CA ARG B 284 6.95 -25.56 -9.72
C ARG B 284 7.69 -24.26 -9.47
N TYR B 285 7.98 -23.95 -8.21
CA TYR B 285 8.76 -22.79 -7.82
C TYR B 285 9.94 -23.26 -7.00
N LYS B 286 11.15 -22.89 -7.44
CA LYS B 286 12.36 -23.54 -6.95
C LYS B 286 12.59 -23.29 -5.46
N ASN B 287 12.10 -22.17 -4.93
CA ASN B 287 12.34 -21.81 -3.56
C ASN B 287 11.13 -22.02 -2.65
N ILE B 288 10.02 -22.52 -3.18
CA ILE B 288 8.87 -22.90 -2.37
C ILE B 288 8.93 -24.41 -2.25
N LEU B 289 9.52 -24.88 -1.16
CA LEU B 289 9.84 -26.29 -0.98
C LEU B 289 9.11 -26.85 0.23
N PRO B 290 8.91 -28.17 0.27
CA PRO B 290 8.32 -28.79 1.45
C PRO B 290 9.33 -28.94 2.58
N PHE B 291 8.82 -28.87 3.81
CA PHE B 291 9.64 -29.15 4.98
C PHE B 291 10.06 -30.61 4.99
N ASP B 292 11.29 -30.85 5.46
CA ASP B 292 11.79 -32.23 5.54
C ASP B 292 10.96 -33.09 6.47
N HIS B 293 10.56 -32.55 7.63
CA HIS B 293 9.93 -33.37 8.66
C HIS B 293 8.45 -33.65 8.39
N THR B 294 7.87 -33.13 7.30
CA THR B 294 6.48 -33.41 6.98
C THR B 294 6.25 -33.72 5.50
N ARG B 295 7.31 -33.84 4.69
CA ARG B 295 7.13 -34.08 3.27
C ARG B 295 6.51 -35.44 3.01
N VAL B 296 5.81 -35.55 1.89
CA VAL B 296 5.26 -36.83 1.45
C VAL B 296 6.36 -37.59 0.72
N VAL B 297 6.60 -38.83 1.15
CA VAL B 297 7.68 -39.66 0.62
C VAL B 297 7.04 -40.78 -0.20
N LEU B 298 7.30 -40.79 -1.50
CA LEU B 298 6.80 -41.82 -2.39
C LEU B 298 7.63 -43.08 -2.23
N HIS B 299 6.96 -44.23 -2.09
CA HIS B 299 7.58 -45.45 -1.59
C HIS B 299 7.62 -46.58 -2.62
N ASP B 300 7.38 -46.30 -3.90
CA ASP B 300 7.41 -47.37 -4.90
C ASP B 300 7.72 -46.77 -6.27
N GLY B 301 8.85 -47.16 -6.85
CA GLY B 301 9.26 -46.68 -8.16
C GLY B 301 10.73 -46.88 -8.44
N SER B 308 13.04 -40.43 -6.96
CA SER B 308 11.78 -41.14 -7.20
C SER B 308 10.97 -41.29 -5.92
N ASP B 309 11.38 -40.55 -4.87
CA ASP B 309 10.64 -40.54 -3.62
C ASP B 309 10.17 -39.13 -3.24
N TYR B 310 10.33 -38.16 -4.14
CA TYR B 310 10.11 -36.76 -3.82
C TYR B 310 8.89 -36.21 -4.55
N ILE B 311 8.11 -35.42 -3.83
CA ILE B 311 7.05 -34.61 -4.40
C ILE B 311 6.90 -33.38 -3.52
N ASN B 312 6.66 -32.23 -4.16
CA ASN B 312 6.44 -30.99 -3.39
C ASN B 312 5.06 -31.09 -2.75
N ALA B 313 5.03 -31.75 -1.59
CA ALA B 313 3.79 -31.98 -0.85
C ALA B 313 4.13 -32.22 0.61
N ASN B 314 3.20 -31.85 1.49
CA ASN B 314 3.41 -32.00 2.93
C ASN B 314 2.17 -32.56 3.61
N ILE B 315 2.39 -33.49 4.54
CA ILE B 315 1.31 -33.98 5.39
C ILE B 315 0.92 -32.87 6.36
N ILE B 316 -0.34 -32.48 6.33
CA ILE B 316 -0.88 -31.45 7.22
C ILE B 316 -1.72 -32.14 8.27
N MET B 317 -1.22 -32.17 9.51
CA MET B 317 -1.87 -32.89 10.60
C MET B 317 -2.39 -31.92 11.64
N PRO B 318 -3.71 -31.82 11.86
CA PRO B 318 -4.27 -30.98 12.93
C PRO B 318 -4.25 -31.66 14.29
N LYS B 330 -8.17 -38.34 13.17
CA LYS B 330 -9.45 -37.95 12.59
C LYS B 330 -9.32 -37.77 11.08
N LYS B 331 -9.06 -36.53 10.66
CA LYS B 331 -8.95 -36.15 9.26
C LYS B 331 -7.72 -35.29 9.06
N SER B 332 -6.84 -35.71 8.15
CA SER B 332 -5.63 -35.00 7.80
C SER B 332 -5.70 -34.50 6.36
N TYR B 333 -4.65 -33.80 5.94
CA TYR B 333 -4.62 -33.17 4.63
C TYR B 333 -3.25 -33.38 3.99
N ILE B 334 -3.18 -33.12 2.69
CA ILE B 334 -1.93 -33.07 1.95
C ILE B 334 -1.95 -31.79 1.12
N ALA B 335 -1.02 -30.89 1.42
CA ALA B 335 -0.88 -29.63 0.70
C ALA B 335 0.23 -29.78 -0.31
N THR B 336 -0.10 -29.62 -1.59
CA THR B 336 0.85 -29.84 -2.67
C THR B 336 0.69 -28.75 -3.72
N GLN B 337 1.70 -28.64 -4.58
CA GLN B 337 1.69 -27.71 -5.69
C GLN B 337 0.81 -28.22 -6.82
N GLY B 338 0.50 -27.34 -7.76
CA GLY B 338 -0.11 -27.77 -9.00
C GLY B 338 0.87 -28.59 -9.82
N CYS B 339 0.37 -29.68 -10.40
CA CYS B 339 1.24 -30.63 -11.08
C CYS B 339 1.95 -30.00 -12.26
N LEU B 340 3.26 -30.21 -12.32
CA LEU B 340 3.99 -30.04 -13.57
C LEU B 340 3.82 -31.29 -14.43
N GLN B 341 4.09 -31.14 -15.73
CA GLN B 341 3.90 -32.29 -16.62
C GLN B 341 4.79 -33.46 -16.22
N ASN B 342 5.98 -33.18 -15.69
CA ASN B 342 6.89 -34.25 -15.27
C ASN B 342 6.59 -34.80 -13.88
N THR B 343 5.64 -34.22 -13.14
CA THR B 343 5.26 -34.74 -11.83
C THR B 343 3.83 -35.25 -11.80
N VAL B 344 3.19 -35.44 -12.96
CA VAL B 344 1.83 -35.97 -12.98
C VAL B 344 1.82 -37.41 -12.49
N ASN B 345 2.78 -38.22 -12.93
CA ASN B 345 2.86 -39.60 -12.47
C ASN B 345 3.14 -39.65 -10.96
N ASP B 346 3.99 -38.75 -10.47
CA ASP B 346 4.25 -38.70 -9.03
C ASP B 346 3.00 -38.31 -8.26
N PHE B 347 2.16 -37.43 -8.82
CA PHE B 347 0.92 -37.06 -8.15
C PHE B 347 0.05 -38.28 -7.88
N TRP B 348 -0.27 -39.04 -8.93
CA TRP B 348 -1.12 -40.23 -8.78
C TRP B 348 -0.44 -41.32 -7.98
N ARG B 349 0.89 -41.36 -7.94
CA ARG B 349 1.56 -42.29 -7.04
C ARG B 349 1.28 -41.92 -5.58
N MET B 350 1.30 -40.62 -5.28
CA MET B 350 0.98 -40.17 -3.93
C MET B 350 -0.47 -40.45 -3.58
N VAL B 351 -1.39 -40.12 -4.49
CA VAL B 351 -2.82 -40.31 -4.23
C VAL B 351 -3.12 -41.78 -3.99
N PHE B 352 -2.45 -42.67 -4.70
CA PHE B 352 -2.67 -44.10 -4.49
C PHE B 352 -2.06 -44.56 -3.16
N GLN B 353 -0.82 -44.15 -2.89
CA GLN B 353 -0.13 -44.60 -1.69
C GLN B 353 -0.86 -44.15 -0.42
N GLU B 354 -1.34 -42.91 -0.40
CA GLU B 354 -1.98 -42.35 0.78
C GLU B 354 -3.45 -42.74 0.92
N ASN B 355 -3.98 -43.55 0.00
CA ASN B 355 -5.37 -44.00 0.03
C ASN B 355 -6.33 -42.80 0.03
N SER B 356 -5.99 -41.76 -0.72
CA SER B 356 -6.80 -40.56 -0.77
C SER B 356 -7.96 -40.74 -1.74
N ARG B 357 -9.14 -40.26 -1.33
CA ARG B 357 -10.35 -40.40 -2.12
C ARG B 357 -10.98 -39.05 -2.50
N VAL B 358 -10.41 -37.94 -2.04
CA VAL B 358 -10.92 -36.60 -2.36
C VAL B 358 -9.74 -35.71 -2.73
N ILE B 359 -9.86 -35.00 -3.83
CA ILE B 359 -8.86 -34.03 -4.29
C ILE B 359 -9.54 -32.68 -4.42
N VAL B 360 -8.94 -31.66 -3.79
CA VAL B 360 -9.48 -30.30 -3.81
C VAL B 360 -8.56 -29.45 -4.68
N MET B 361 -9.07 -28.99 -5.82
CA MET B 361 -8.33 -28.14 -6.74
C MET B 361 -8.93 -26.75 -6.67
N THR B 362 -8.16 -25.80 -6.12
CA THR B 362 -8.63 -24.44 -5.93
C THR B 362 -8.04 -23.47 -6.95
N THR B 363 -7.67 -23.97 -8.12
CA THR B 363 -7.07 -23.15 -9.16
C THR B 363 -7.57 -23.59 -10.52
N LYS B 364 -7.57 -22.66 -11.46
CA LYS B 364 -7.70 -23.02 -12.87
C LYS B 364 -6.35 -23.51 -13.39
N GLU B 365 -6.39 -24.19 -14.54
CA GLU B 365 -5.14 -24.62 -15.16
C GLU B 365 -4.32 -23.42 -15.62
N VAL B 366 -4.99 -22.33 -16.02
CA VAL B 366 -4.35 -21.10 -16.44
C VAL B 366 -5.00 -19.95 -15.69
N GLU B 367 -4.16 -19.07 -15.11
CA GLU B 367 -4.63 -17.88 -14.43
C GLU B 367 -3.57 -16.81 -14.56
N ARG B 368 -4.01 -15.57 -14.74
CA ARG B 368 -3.12 -14.42 -14.95
C ARG B 368 -2.20 -14.63 -16.16
N GLY B 369 -2.66 -15.41 -17.14
CA GLY B 369 -1.87 -15.65 -18.33
C GLY B 369 -0.66 -16.54 -18.16
N LYS B 370 -0.65 -17.38 -17.11
CA LYS B 370 0.48 -18.26 -16.84
C LYS B 370 -0.03 -19.65 -16.50
N SER B 371 0.76 -20.66 -16.82
CA SER B 371 0.45 -22.03 -16.46
C SER B 371 0.58 -22.22 -14.94
N LYS B 372 -0.47 -22.77 -14.33
CA LYS B 372 -0.49 -22.98 -12.89
C LYS B 372 -0.77 -24.41 -12.47
N CYS B 373 -1.31 -25.26 -13.35
CA CYS B 373 -1.55 -26.66 -13.02
C CYS B 373 -1.81 -27.42 -14.30
N VAL B 374 -1.03 -28.47 -14.55
CA VAL B 374 -1.23 -29.32 -15.72
C VAL B 374 -2.50 -30.15 -15.54
N LYS B 375 -3.24 -30.33 -16.63
CA LYS B 375 -4.40 -31.22 -16.62
C LYS B 375 -3.95 -32.64 -16.35
N TYR B 376 -4.24 -33.13 -15.14
CA TYR B 376 -3.81 -34.47 -14.73
C TYR B 376 -4.95 -35.47 -14.68
N TRP B 377 -6.16 -35.08 -15.11
CA TRP B 377 -7.29 -35.98 -15.19
C TRP B 377 -7.62 -36.29 -16.65
N PRO B 378 -8.07 -37.50 -16.96
CA PRO B 378 -8.47 -37.81 -18.33
C PRO B 378 -9.81 -37.20 -18.67
N ASP B 379 -10.04 -37.00 -19.97
CA ASP B 379 -11.30 -36.45 -20.43
C ASP B 379 -12.46 -37.37 -20.03
N GLU B 380 -13.65 -36.79 -19.98
CA GLU B 380 -14.82 -37.53 -19.50
C GLU B 380 -15.01 -38.81 -20.31
N TYR B 381 -15.21 -39.92 -19.60
CA TYR B 381 -15.39 -41.28 -20.12
C TYR B 381 -14.09 -41.86 -20.67
N ALA B 382 -12.99 -41.13 -20.66
CA ALA B 382 -11.75 -41.64 -21.20
C ALA B 382 -10.92 -42.36 -20.14
N LEU B 383 -9.95 -43.13 -20.60
CA LEU B 383 -9.03 -43.87 -19.76
C LEU B 383 -7.61 -43.44 -20.10
N LYS B 384 -6.78 -43.28 -19.08
CA LYS B 384 -5.43 -42.78 -19.26
C LYS B 384 -4.52 -43.49 -18.27
N GLU B 385 -3.31 -43.83 -18.70
CA GLU B 385 -2.30 -44.43 -17.84
C GLU B 385 -1.23 -43.40 -17.52
N TYR B 386 -1.06 -43.10 -16.24
CA TYR B 386 -0.03 -42.19 -15.75
C TYR B 386 1.02 -43.02 -15.03
N GLY B 387 2.00 -43.51 -15.79
CA GLY B 387 3.04 -44.34 -15.19
C GLY B 387 2.50 -45.73 -14.86
N VAL B 388 2.69 -46.13 -13.61
CA VAL B 388 2.15 -47.40 -13.14
C VAL B 388 0.71 -47.29 -12.67
N MET B 389 0.12 -46.10 -12.76
CA MET B 389 -1.25 -45.86 -12.32
C MET B 389 -2.17 -45.68 -13.52
N ARG B 390 -3.45 -45.96 -13.31
CA ARG B 390 -4.46 -45.85 -14.35
C ARG B 390 -5.65 -45.08 -13.77
N VAL B 391 -6.15 -44.11 -14.53
CA VAL B 391 -7.25 -43.26 -14.08
C VAL B 391 -8.30 -43.20 -15.18
N ARG B 392 -9.56 -43.40 -14.82
CA ARG B 392 -10.68 -43.25 -15.73
C ARG B 392 -11.63 -42.20 -15.17
N ASN B 393 -12.23 -41.42 -16.06
CA ASN B 393 -13.19 -40.39 -15.69
C ASN B 393 -14.60 -40.94 -15.87
N VAL B 394 -15.25 -41.30 -14.76
CA VAL B 394 -16.62 -41.82 -14.80
C VAL B 394 -17.56 -40.73 -15.33
N LYS B 395 -17.75 -39.68 -14.54
CA LYS B 395 -18.78 -38.68 -14.82
C LYS B 395 -18.35 -37.35 -14.27
N GLU B 396 -18.58 -36.29 -15.04
CA GLU B 396 -18.36 -34.92 -14.57
C GLU B 396 -19.69 -34.26 -14.26
N SER B 397 -19.66 -33.38 -13.26
CA SER B 397 -20.86 -32.67 -12.82
C SER B 397 -20.49 -31.20 -12.64
N ALA B 398 -21.28 -30.32 -13.23
CA ALA B 398 -21.00 -28.89 -13.24
C ALA B 398 -21.93 -28.19 -12.26
N ALA B 399 -21.39 -27.73 -11.15
CA ALA B 399 -22.11 -26.88 -10.22
C ALA B 399 -21.83 -25.42 -10.56
N HIS B 400 -22.42 -24.51 -9.79
CA HIS B 400 -22.20 -23.09 -10.05
C HIS B 400 -20.75 -22.69 -9.80
N ASP B 401 -20.18 -23.15 -8.69
CA ASP B 401 -18.84 -22.75 -8.28
C ASP B 401 -17.77 -23.78 -8.63
N TYR B 402 -18.11 -25.07 -8.70
CA TYR B 402 -17.11 -26.10 -8.86
C TYR B 402 -17.58 -27.14 -9.87
N THR B 403 -16.64 -27.98 -10.30
CA THR B 403 -16.92 -29.13 -11.16
C THR B 403 -16.50 -30.38 -10.41
N LEU B 404 -17.42 -31.31 -10.24
CA LEU B 404 -17.13 -32.58 -9.58
C LEU B 404 -16.79 -33.63 -10.62
N ARG B 405 -15.72 -34.38 -10.38
CA ARG B 405 -15.25 -35.41 -11.30
C ARG B 405 -15.11 -36.73 -10.54
N GLU B 406 -15.94 -37.71 -10.89
CA GLU B 406 -15.79 -39.06 -10.35
C GLU B 406 -14.72 -39.77 -11.17
N LEU B 407 -13.59 -40.05 -10.53
CA LEU B 407 -12.48 -40.73 -11.17
C LEU B 407 -12.30 -42.10 -10.55
N LYS B 408 -11.86 -43.06 -11.36
CA LYS B 408 -11.55 -44.41 -10.91
C LYS B 408 -10.04 -44.61 -11.02
N LEU B 409 -9.36 -44.54 -9.87
CA LEU B 409 -7.92 -44.70 -9.81
C LEU B 409 -7.59 -46.15 -9.54
N SER B 410 -6.60 -46.68 -10.27
CA SER B 410 -6.14 -48.04 -10.10
C SER B 410 -4.66 -48.11 -10.45
N LYS B 411 -4.07 -49.28 -10.20
CA LYS B 411 -2.65 -49.53 -10.42
C LYS B 411 -2.50 -50.66 -11.43
N VAL B 412 -1.75 -50.39 -12.51
CA VAL B 412 -1.60 -51.37 -13.58
C VAL B 412 -0.91 -52.63 -13.06
N GLY B 413 -1.17 -53.75 -13.71
CA GLY B 413 -0.60 -55.03 -13.33
C GLY B 413 -1.22 -55.66 -12.10
N GLN B 414 -2.21 -55.03 -11.49
CA GLN B 414 -2.81 -55.51 -10.25
C GLN B 414 -4.32 -55.39 -10.37
N GLY B 415 -5.02 -56.52 -10.32
CA GLY B 415 -6.46 -56.50 -10.44
C GLY B 415 -7.14 -56.02 -9.17
N ASN B 416 -8.41 -55.62 -9.33
CA ASN B 416 -9.29 -55.24 -8.21
C ASN B 416 -8.61 -54.27 -7.23
N THR B 417 -7.76 -53.38 -7.75
CA THR B 417 -7.10 -52.35 -6.94
C THR B 417 -7.70 -50.97 -7.20
N GLU B 418 -8.84 -50.92 -7.87
CA GLU B 418 -9.45 -49.66 -8.28
C GLU B 418 -10.28 -49.06 -7.15
N ARG B 419 -10.15 -47.74 -6.97
CA ARG B 419 -10.94 -47.02 -5.99
C ARG B 419 -11.42 -45.71 -6.61
N THR B 420 -12.49 -45.16 -6.04
CA THR B 420 -13.08 -43.92 -6.54
C THR B 420 -12.41 -42.73 -5.87
N VAL B 421 -11.89 -41.82 -6.69
CA VAL B 421 -11.30 -40.57 -6.22
C VAL B 421 -12.17 -39.44 -6.75
N TRP B 422 -12.73 -38.65 -5.84
CA TRP B 422 -13.64 -37.56 -6.20
C TRP B 422 -12.84 -36.27 -6.24
N GLN B 423 -12.74 -35.67 -7.43
CA GLN B 423 -12.01 -34.42 -7.63
C GLN B 423 -12.99 -33.26 -7.59
N TYR B 424 -12.77 -32.34 -6.66
CA TYR B 424 -13.58 -31.12 -6.53
C TYR B 424 -12.76 -29.95 -7.05
N HIS B 425 -13.10 -29.48 -8.25
CA HIS B 425 -12.35 -28.43 -8.94
C HIS B 425 -13.10 -27.12 -8.77
N PHE B 426 -12.67 -26.31 -7.80
CA PHE B 426 -13.21 -24.98 -7.62
C PHE B 426 -12.67 -24.07 -8.73
N ARG B 427 -13.56 -23.41 -9.45
CA ARG B 427 -13.17 -22.56 -10.56
C ARG B 427 -13.64 -21.12 -10.41
N THR B 428 -14.32 -20.78 -9.31
CA THR B 428 -14.85 -19.45 -9.07
C THR B 428 -13.82 -18.50 -8.47
N TRP B 429 -12.80 -19.03 -7.80
CA TRP B 429 -11.83 -18.19 -7.10
C TRP B 429 -11.22 -17.18 -8.05
N PRO B 430 -11.12 -15.91 -7.66
CA PRO B 430 -10.55 -14.89 -8.54
C PRO B 430 -9.06 -15.10 -8.75
N ASP B 431 -8.51 -14.33 -9.69
CA ASP B 431 -7.07 -14.37 -9.91
C ASP B 431 -6.32 -13.65 -8.80
N HIS B 432 -6.80 -12.48 -8.40
CA HIS B 432 -6.25 -11.72 -7.28
C HIS B 432 -7.29 -11.61 -6.18
N GLY B 433 -6.83 -11.55 -4.94
CA GLY B 433 -7.74 -11.39 -3.82
C GLY B 433 -8.45 -12.68 -3.46
N VAL B 434 -9.51 -12.52 -2.66
CA VAL B 434 -10.33 -13.64 -2.19
C VAL B 434 -11.75 -13.44 -2.68
N PRO B 435 -12.63 -14.45 -2.64
CA PRO B 435 -14.03 -14.22 -3.00
C PRO B 435 -14.66 -13.17 -2.11
N SER B 436 -15.59 -12.40 -2.69
CA SER B 436 -16.22 -11.32 -1.95
C SER B 436 -17.13 -11.86 -0.84
N ASP B 437 -17.85 -12.94 -1.13
CA ASP B 437 -18.77 -13.59 -0.20
C ASP B 437 -18.32 -15.02 0.05
N PRO B 438 -18.27 -15.46 1.31
CA PRO B 438 -17.80 -16.81 1.63
C PRO B 438 -18.81 -17.93 1.38
N GLY B 439 -19.96 -17.63 0.79
CA GLY B 439 -20.99 -18.65 0.65
C GLY B 439 -20.61 -19.75 -0.31
N GLY B 440 -19.97 -19.40 -1.43
CA GLY B 440 -19.61 -20.40 -2.41
C GLY B 440 -18.55 -21.37 -1.90
N VAL B 441 -17.54 -20.86 -1.18
CA VAL B 441 -16.51 -21.73 -0.63
C VAL B 441 -17.09 -22.63 0.47
N LEU B 442 -17.95 -22.07 1.32
CA LEU B 442 -18.51 -22.83 2.43
C LEU B 442 -19.37 -23.98 1.95
N ASP B 443 -20.22 -23.75 0.94
CA ASP B 443 -21.04 -24.83 0.40
C ASP B 443 -20.17 -25.85 -0.34
N PHE B 444 -19.21 -25.37 -1.14
CA PHE B 444 -18.21 -26.25 -1.73
C PHE B 444 -17.51 -27.09 -0.68
N LEU B 445 -17.34 -26.55 0.53
CA LEU B 445 -16.61 -27.24 1.59
C LEU B 445 -17.46 -28.30 2.28
N GLU B 446 -18.78 -28.13 2.29
CA GLU B 446 -19.66 -29.14 2.90
C GLU B 446 -19.67 -30.43 2.09
N GLU B 447 -19.68 -30.32 0.76
CA GLU B 447 -19.69 -31.52 -0.08
C GLU B 447 -18.39 -32.30 0.07
N VAL B 448 -17.25 -31.61 0.10
CA VAL B 448 -15.97 -32.30 0.29
C VAL B 448 -15.95 -33.04 1.62
N HIS B 449 -16.48 -32.41 2.67
CA HIS B 449 -16.53 -33.05 3.99
C HIS B 449 -17.45 -34.27 3.96
N HIS B 450 -18.68 -34.10 3.47
CA HIS B 450 -19.63 -35.20 3.44
C HIS B 450 -19.15 -36.34 2.55
N LYS B 451 -18.46 -36.00 1.46
CA LYS B 451 -17.87 -37.05 0.61
C LYS B 451 -16.76 -37.78 1.36
N GLN B 452 -15.93 -37.03 2.11
CA GLN B 452 -14.85 -37.66 2.85
C GLN B 452 -15.37 -38.59 3.93
N GLU B 453 -16.50 -38.24 4.55
CA GLU B 453 -17.03 -39.04 5.65
C GLU B 453 -17.77 -40.28 5.16
N SER B 454 -18.28 -40.26 3.93
CA SER B 454 -18.98 -41.43 3.42
C SER B 454 -18.03 -42.58 3.11
N ILE B 455 -16.74 -42.31 2.98
CA ILE B 455 -15.75 -43.31 2.60
C ILE B 455 -14.94 -43.67 3.85
N MET B 456 -15.05 -44.93 4.28
CA MET B 456 -14.40 -45.36 5.52
C MET B 456 -12.92 -45.54 5.33
N ASP B 457 -12.16 -45.30 6.41
CA ASP B 457 -10.69 -45.29 6.42
C ASP B 457 -10.09 -44.73 5.13
N ALA B 458 -10.68 -43.67 4.60
CA ALA B 458 -10.12 -42.94 3.47
C ALA B 458 -8.93 -42.10 3.94
N GLY B 459 -7.91 -42.01 3.09
CA GLY B 459 -6.72 -41.26 3.39
C GLY B 459 -6.97 -39.76 3.47
N PRO B 460 -5.89 -38.98 3.64
CA PRO B 460 -6.05 -37.54 3.78
C PRO B 460 -6.59 -36.89 2.50
N VAL B 461 -7.10 -35.68 2.66
CA VAL B 461 -7.65 -34.91 1.55
C VAL B 461 -6.53 -34.14 0.87
N VAL B 462 -6.40 -34.31 -0.43
CA VAL B 462 -5.38 -33.64 -1.23
C VAL B 462 -5.90 -32.26 -1.61
N VAL B 463 -5.24 -31.21 -1.12
CA VAL B 463 -5.59 -29.83 -1.44
C VAL B 463 -4.41 -29.20 -2.18
N HIS B 464 -4.68 -28.59 -3.33
CA HIS B 464 -3.62 -28.02 -4.12
C HIS B 464 -4.14 -26.82 -4.89
N CYS B 465 -3.22 -25.92 -5.24
CA CYS B 465 -3.51 -24.80 -6.12
C CYS B 465 -2.35 -24.60 -7.08
N SER B 466 -1.61 -23.49 -6.95
CA SER B 466 -0.44 -23.26 -7.77
C SER B 466 0.83 -23.61 -6.99
N ALA B 467 1.22 -22.76 -6.05
CA ALA B 467 2.33 -23.08 -5.15
C ALA B 467 1.90 -23.97 -4.00
N GLY B 468 0.62 -23.97 -3.64
CA GLY B 468 0.13 -24.81 -2.57
C GLY B 468 0.27 -24.26 -1.17
N ILE B 469 0.36 -22.94 -1.01
CA ILE B 469 0.53 -22.36 0.32
C ILE B 469 -0.51 -21.27 0.58
N GLY B 470 -1.02 -20.66 -0.49
CA GLY B 470 -1.97 -19.57 -0.33
C GLY B 470 -3.42 -20.02 -0.23
N ARG B 471 -4.08 -20.20 -1.38
CA ARG B 471 -5.45 -20.72 -1.38
C ARG B 471 -5.53 -22.04 -0.67
N THR B 472 -4.57 -22.93 -0.91
CA THR B 472 -4.52 -24.20 -0.20
C THR B 472 -4.50 -23.98 1.30
N GLY B 473 -3.67 -23.05 1.77
CA GLY B 473 -3.62 -22.77 3.20
C GLY B 473 -4.93 -22.23 3.72
N THR B 474 -5.48 -21.22 3.04
CA THR B 474 -6.77 -20.65 3.42
C THR B 474 -7.86 -21.72 3.46
N PHE B 475 -7.85 -22.62 2.48
CA PHE B 475 -8.86 -23.68 2.43
C PHE B 475 -8.73 -24.62 3.62
N ILE B 476 -7.53 -25.14 3.88
CA ILE B 476 -7.33 -26.13 4.93
C ILE B 476 -7.63 -25.53 6.30
N VAL B 477 -7.26 -24.28 6.52
CA VAL B 477 -7.50 -23.65 7.81
C VAL B 477 -9.00 -23.54 8.09
N ILE B 478 -9.77 -23.13 7.08
CA ILE B 478 -11.22 -23.03 7.24
C ILE B 478 -11.81 -24.40 7.56
N ASP B 479 -11.32 -25.45 6.91
CA ASP B 479 -11.87 -26.77 7.17
C ASP B 479 -11.51 -27.26 8.56
N ILE B 480 -10.31 -26.93 9.04
CA ILE B 480 -9.92 -27.31 10.39
C ILE B 480 -10.81 -26.62 11.42
N LEU B 481 -11.04 -25.31 11.24
CA LEU B 481 -11.82 -24.57 12.22
C LEU B 481 -13.28 -24.97 12.21
N ILE B 482 -13.81 -25.41 11.06
CA ILE B 482 -15.20 -25.83 11.00
C ILE B 482 -15.39 -27.21 11.63
N ASP B 483 -14.42 -28.11 11.45
CA ASP B 483 -14.53 -29.43 12.07
C ASP B 483 -14.54 -29.34 13.59
N ILE B 484 -13.94 -28.30 14.16
CA ILE B 484 -14.03 -28.08 15.60
C ILE B 484 -15.44 -27.63 15.97
N ILE B 485 -15.97 -26.64 15.25
CA ILE B 485 -17.33 -26.17 15.46
C ILE B 485 -18.34 -27.28 15.21
N ARG B 486 -18.01 -28.19 14.29
CA ARG B 486 -18.91 -29.29 13.96
C ARG B 486 -18.90 -30.37 15.04
N GLU B 487 -17.74 -30.64 15.63
CA GLU B 487 -17.63 -31.73 16.59
C GLU B 487 -18.01 -31.29 17.99
N LYS B 488 -17.81 -30.01 18.32
CA LYS B 488 -18.01 -29.51 19.68
C LYS B 488 -19.05 -28.41 19.77
N GLY B 489 -19.81 -28.17 18.72
CA GLY B 489 -20.88 -27.19 18.77
C GLY B 489 -20.38 -25.75 18.74
N VAL B 490 -21.32 -24.84 18.95
CA VAL B 490 -21.05 -23.41 18.77
C VAL B 490 -20.31 -22.80 19.95
N ASP B 491 -20.37 -23.41 21.13
CA ASP B 491 -19.75 -22.87 22.33
C ASP B 491 -18.36 -23.45 22.58
N CYS B 492 -17.59 -23.68 21.53
CA CYS B 492 -16.24 -24.21 21.64
C CYS B 492 -15.21 -23.09 21.55
N ASP B 493 -13.95 -23.47 21.76
CA ASP B 493 -12.83 -22.54 21.68
C ASP B 493 -12.21 -22.62 20.29
N ILE B 494 -11.98 -21.47 19.68
CA ILE B 494 -11.26 -21.37 18.41
C ILE B 494 -10.18 -20.30 18.54
N ASP B 495 -9.06 -20.52 17.87
CA ASP B 495 -7.91 -19.62 17.89
C ASP B 495 -7.28 -19.62 16.51
N VAL B 496 -7.71 -18.66 15.67
CA VAL B 496 -7.27 -18.63 14.27
C VAL B 496 -5.77 -18.48 14.13
N PRO B 497 -5.10 -17.50 14.76
CA PRO B 497 -3.64 -17.41 14.58
C PRO B 497 -2.88 -18.60 15.15
N LYS B 498 -3.35 -19.19 16.25
CA LYS B 498 -2.69 -20.39 16.74
C LYS B 498 -2.87 -21.54 15.76
N THR B 499 -4.05 -21.67 15.18
CA THR B 499 -4.28 -22.72 14.18
C THR B 499 -3.39 -22.52 12.97
N ILE B 500 -3.33 -21.29 12.45
CA ILE B 500 -2.51 -21.01 11.28
C ILE B 500 -1.04 -21.30 11.56
N GLN B 501 -0.55 -20.84 12.71
CA GLN B 501 0.84 -21.09 13.06
C GLN B 501 1.10 -22.58 13.23
N MET B 502 0.13 -23.31 13.77
CA MET B 502 0.26 -24.77 13.86
C MET B 502 0.36 -25.40 12.47
N VAL B 503 -0.40 -24.89 11.51
CA VAL B 503 -0.35 -25.42 10.15
C VAL B 503 0.93 -24.97 9.43
N ARG B 504 1.40 -23.75 9.72
CA ARG B 504 2.62 -23.24 9.09
C ARG B 504 3.87 -24.01 9.51
N SER B 505 3.81 -24.75 10.61
CA SER B 505 4.95 -25.58 11.02
C SER B 505 5.08 -26.85 10.19
N GLN B 506 4.03 -27.22 9.45
CA GLN B 506 4.06 -28.43 8.63
C GLN B 506 4.24 -28.14 7.15
N ARG B 507 3.92 -26.92 6.70
CA ARG B 507 4.28 -26.46 5.37
C ARG B 507 4.41 -24.95 5.42
N SER B 508 5.47 -24.42 4.79
CA SER B 508 5.81 -23.02 4.97
C SER B 508 4.84 -22.11 4.24
N GLY B 509 4.54 -20.97 4.87
CA GLY B 509 3.74 -19.95 4.22
C GLY B 509 2.27 -20.25 4.06
N MET B 510 1.72 -21.17 4.86
CA MET B 510 0.30 -21.45 4.81
C MET B 510 -0.50 -20.21 5.21
N VAL B 511 -1.51 -19.87 4.41
CA VAL B 511 -2.24 -18.61 4.47
C VAL B 511 -1.26 -17.47 4.17
N GLN B 512 -1.37 -16.90 2.97
CA GLN B 512 -0.35 -15.99 2.46
C GLN B 512 -0.59 -14.54 2.86
N THR B 513 -1.79 -14.03 2.64
CA THR B 513 -2.07 -12.61 2.77
C THR B 513 -3.07 -12.34 3.89
N GLU B 514 -3.21 -11.06 4.22
CA GLU B 514 -4.20 -10.64 5.21
C GLU B 514 -5.61 -10.74 4.64
N ALA B 515 -5.78 -10.55 3.34
CA ALA B 515 -7.09 -10.77 2.73
C ALA B 515 -7.56 -12.20 2.94
N GLN B 516 -6.63 -13.16 2.83
CA GLN B 516 -6.97 -14.54 3.16
C GLN B 516 -7.19 -14.70 4.66
N TYR B 517 -6.49 -13.92 5.48
CA TYR B 517 -6.67 -14.00 6.92
C TYR B 517 -8.04 -13.48 7.34
N ARG B 518 -8.46 -12.35 6.76
CA ARG B 518 -9.80 -11.85 7.06
C ARG B 518 -10.87 -12.76 6.47
N PHE B 519 -10.61 -13.38 5.32
CA PHE B 519 -11.58 -14.29 4.71
C PHE B 519 -11.83 -15.51 5.58
N ILE B 520 -10.81 -15.97 6.31
CA ILE B 520 -11.00 -17.09 7.23
C ILE B 520 -11.99 -16.71 8.32
N TYR B 521 -11.82 -15.53 8.92
CA TYR B 521 -12.78 -15.06 9.91
C TYR B 521 -14.18 -14.94 9.32
N MET B 522 -14.28 -14.42 8.09
CA MET B 522 -15.59 -14.29 7.45
C MET B 522 -16.21 -15.65 7.19
N ALA B 523 -15.44 -16.60 6.66
CA ALA B 523 -15.97 -17.92 6.36
C ALA B 523 -16.48 -18.61 7.62
N VAL B 524 -15.72 -18.54 8.71
CA VAL B 524 -16.13 -19.17 9.96
C VAL B 524 -17.32 -18.44 10.56
N GLN B 525 -17.38 -17.11 10.40
CA GLN B 525 -18.53 -16.36 10.90
C GLN B 525 -19.79 -16.71 10.12
N HIS B 526 -19.69 -16.74 8.78
CA HIS B 526 -20.84 -17.10 7.96
C HIS B 526 -21.32 -18.51 8.24
N TYR B 527 -20.43 -19.40 8.65
CA TYR B 527 -20.85 -20.75 9.03
C TYR B 527 -21.64 -20.75 10.33
N ILE B 528 -21.21 -19.93 11.30
CA ILE B 528 -21.94 -19.81 12.57
C ILE B 528 -23.32 -19.24 12.33
N GLU B 529 -23.45 -18.31 11.38
CA GLU B 529 -24.73 -17.65 11.12
C GLU B 529 -25.78 -18.62 10.59
N THR B 530 -25.36 -19.67 9.87
CA THR B 530 -26.28 -20.65 9.31
C THR B 530 -26.65 -21.76 10.30
N LEU B 531 -26.84 -21.41 11.58
CA LEU B 531 -27.26 -22.38 12.57
C LEU B 531 -28.22 -21.73 13.56
C12 37I C . -3.08 23.28 2.21
C13 37I C . -2.73 21.92 2.79
C14 37I C . -1.46 21.26 2.38
C16 37I C . -1.07 19.90 2.93
C20 37I C . -3.25 19.86 4.32
C21 37I C . -3.64 21.24 3.76
C22 37I C . -3.51 24.40 2.93
N23 37I C . -3.74 24.62 4.41
C24 37I C . -4.18 25.89 4.87
C02 37I C . -3.51 30.87 3.96
C03 37I C . -4.55 31.84 4.71
C04 37I C . -4.20 30.21 2.84
C05 37I C . -5.34 29.33 3.32
C07 37I C . -4.42 26.99 3.90
C09 37I C . -3.74 25.43 2.03
C18 37I C . 0.75 18.18 3.22
C25 37I C . -4.12 29.01 5.48
C26 37I C . -2.99 29.89 4.92
N01 37I C . -2.38 31.65 3.47
N06 37I C . -4.88 28.28 4.36
N08 37I C . -4.21 26.76 2.52
N10 37I C . -3.46 24.97 0.78
N11 37I C . -3.05 23.63 0.90
N17 37I C . 0.17 19.29 2.49
N19 37I C . -1.98 19.22 3.89
CL15 37I C . -0.38 22.08 1.23
C12 37I D . -0.98 -14.69 17.61
C13 37I D . -0.71 -16.09 18.15
C14 37I D . 0.53 -16.81 17.80
C16 37I D . 0.79 -18.22 18.33
C20 37I D . -1.46 -18.15 19.57
C21 37I D . -1.73 -16.74 19.02
C22 37I D . -1.36 -13.59 18.36
N23 37I D . -1.58 -13.44 19.84
C24 37I D . -1.97 -12.18 20.37
C02 37I D . -1.60 -7.01 19.55
C03 37I D . -2.59 -6.35 20.64
C04 37I D . -2.42 -7.65 18.50
C05 37I D . -3.30 -8.75 19.08
C07 37I D . -2.15 -11.03 19.45
C09 37I D . -1.52 -12.52 17.51
C18 37I D . 2.63 -19.85 18.88
C25 37I D . -1.61 -8.99 20.95
C26 37I D . -0.75 -7.97 20.22
N01 37I D . -0.76 -5.97 18.96
N06 37I D . -2.54 -9.75 19.98
N08 37I D . -1.92 -11.18 18.06
N10 37I D . -1.24 -12.93 16.25
N11 37I D . -0.90 -14.30 16.32
N17 37I D . 2.03 -18.88 17.97
N19 37I D . -0.20 -18.86 19.21
CL15 37I D . 1.71 -16.01 16.75
O1 PG4 E . 5.54 5.54 0.54
C1 PG4 E . 5.82 6.32 1.66
C2 PG4 E . 4.63 7.23 2.01
O2 PG4 E . 3.66 6.51 2.73
C3 PG4 E . 2.63 7.32 3.23
C4 PG4 E . 1.37 6.48 3.46
O3 PG4 E . 0.23 7.29 3.37
C5 PG4 E . -0.75 6.79 2.52
C6 PG4 E . -0.76 7.57 1.20
O4 PG4 E . -0.10 6.84 0.20
C7 PG4 E . 1.15 7.37 -0.15
C8 PG4 E . 1.94 6.36 -0.97
O5 PG4 E . 3.26 6.82 -1.13
#